data_6D10
#
_entry.id   6D10
#
_entity_poly.entity_id   1
_entity_poly.type   'polypeptide(L)'
_entity_poly.pdbx_seq_one_letter_code
;MEGALYGPQAPKGSAFVRAYNAGNSELDVSVGSTSLNDVAPLGSSDFKFLPPGSYTAQVGQQSLPVKLDPDSYYTLVSQP
GGKPQLVAEPPFKNKQKALVRVQNLSGSKLTLKTADGKTDVVKDVGPQSHGDREINPVKVNLALFDGSKKVSDLKPVTLA
RGEVVCLYVTGSGGKLAPVWVKRPVKADLEHHHHHH
;
_entity_poly.pdbx_strand_id   A
#
# COMPACT_ATOMS: atom_id res chain seq x y z
N LYS A 95 -3.78 -17.58 -10.27
CA LYS A 95 -2.70 -16.73 -10.77
C LYS A 95 -1.38 -17.06 -10.08
N GLN A 96 -0.28 -16.58 -10.65
CA GLN A 96 1.04 -16.81 -10.09
C GLN A 96 1.53 -15.60 -9.29
N LYS A 97 0.67 -14.59 -9.18
CA LYS A 97 1.00 -13.39 -8.43
C LYS A 97 -0.04 -13.12 -7.35
N ALA A 98 0.32 -12.28 -6.39
CA ALA A 98 -0.62 -11.83 -5.36
C ALA A 98 -1.32 -10.55 -5.78
N LEU A 99 -2.60 -10.44 -5.42
CA LEU A 99 -3.37 -9.23 -5.71
C LEU A 99 -3.34 -8.26 -4.55
N VAL A 100 -2.68 -7.12 -4.76
CA VAL A 100 -2.55 -6.11 -3.71
C VAL A 100 -3.29 -4.83 -4.09
N ARG A 101 -4.21 -4.41 -3.23
CA ARG A 101 -4.95 -3.16 -3.45
C ARG A 101 -4.57 -2.12 -2.41
N VAL A 102 -4.54 -0.86 -2.82
CA VAL A 102 -4.42 0.25 -1.88
C VAL A 102 -5.68 1.11 -1.88
N GLN A 103 -6.32 1.21 -0.71
CA GLN A 103 -7.56 1.96 -0.59
C GLN A 103 -7.34 3.26 0.17
N ASN A 104 -7.38 4.38 -0.54
CA ASN A 104 -7.20 5.69 0.05
C ASN A 104 -8.50 6.23 0.62
N LEU A 105 -8.64 6.17 1.95
CA LEU A 105 -9.85 6.66 2.61
C LEU A 105 -9.61 8.01 3.26
N SER A 106 -8.55 8.69 2.83
CA SER A 106 -8.22 10.00 3.37
C SER A 106 -8.60 11.11 2.41
N GLY A 107 -8.32 12.35 2.80
CA GLY A 107 -8.55 13.49 1.92
C GLY A 107 -7.23 14.03 1.36
N SER A 108 -6.27 13.12 1.20
CA SER A 108 -4.96 13.50 0.67
C SER A 108 -4.37 12.39 -0.19
N LYS A 109 -3.62 12.76 -1.20
CA LYS A 109 -2.98 11.80 -2.09
C LYS A 109 -1.87 11.03 -1.38
N LEU A 110 -1.84 9.72 -1.60
CA LEU A 110 -0.83 8.87 -0.97
C LEU A 110 -0.50 7.67 -1.85
N THR A 111 0.60 7.00 -1.54
CA THR A 111 1.06 5.87 -2.34
C THR A 111 1.69 4.79 -1.46
N LEU A 112 1.61 3.55 -1.90
CA LEU A 112 2.26 2.44 -1.22
C LEU A 112 3.56 2.05 -1.91
N LYS A 113 4.68 2.30 -1.23
CA LYS A 113 5.99 2.04 -1.80
C LYS A 113 6.94 1.45 -0.77
N THR A 114 8.16 1.15 -1.19
CA THR A 114 9.17 0.60 -0.30
C THR A 114 9.87 1.70 0.48
N ALA A 115 10.58 1.31 1.54
CA ALA A 115 11.36 2.26 2.33
C ALA A 115 12.85 2.08 2.11
N ASP A 116 13.20 1.19 1.19
CA ASP A 116 14.60 0.89 0.91
C ASP A 116 15.07 1.54 -0.38
N GLY A 117 14.19 2.34 -0.98
CA GLY A 117 14.50 3.01 -2.24
C GLY A 117 13.28 3.75 -2.78
N LYS A 118 13.32 4.06 -4.07
CA LYS A 118 12.22 4.77 -4.72
C LYS A 118 11.26 3.79 -5.38
N THR A 119 11.61 2.52 -5.35
CA THR A 119 10.76 1.47 -5.91
C THR A 119 9.42 1.40 -5.19
N ASP A 120 8.34 1.40 -5.96
CA ASP A 120 6.99 1.39 -5.39
C ASP A 120 6.47 -0.03 -5.26
N VAL A 121 5.26 -0.16 -4.70
CA VAL A 121 4.61 -1.46 -4.56
C VAL A 121 3.37 -1.54 -5.43
N VAL A 122 2.45 -0.61 -5.22
CA VAL A 122 1.21 -0.58 -6.00
C VAL A 122 1.11 0.72 -6.81
N LYS A 123 0.76 0.58 -8.09
CA LYS A 123 0.71 1.73 -8.99
C LYS A 123 -0.74 2.21 -9.17
N ASP A 124 -0.88 3.40 -9.74
CA ASP A 124 -2.20 3.95 -10.03
C ASP A 124 -2.99 4.19 -8.76
N VAL A 125 -2.35 4.83 -7.79
CA VAL A 125 -3.02 5.22 -6.55
C VAL A 125 -3.00 6.73 -6.37
N GLY A 126 -4.19 7.33 -6.28
CA GLY A 126 -4.31 8.78 -6.16
C GLY A 126 -5.12 9.16 -4.92
N PRO A 127 -5.54 10.41 -4.87
CA PRO A 127 -6.34 10.91 -3.75
C PRO A 127 -7.78 10.41 -3.84
N GLN A 128 -8.35 10.06 -2.69
CA GLN A 128 -9.74 9.67 -2.62
C GLN A 128 -10.07 8.61 -3.67
N SER A 129 -9.27 7.56 -3.71
CA SER A 129 -9.44 6.50 -4.69
C SER A 129 -8.71 5.23 -4.27
N HIS A 130 -8.41 4.37 -5.24
CA HIS A 130 -7.68 3.14 -4.98
C HIS A 130 -6.97 2.64 -6.22
N GLY A 131 -6.03 1.71 -6.03
CA GLY A 131 -5.28 1.14 -7.15
C GLY A 131 -4.93 -0.32 -6.88
N ASP A 132 -4.87 -1.10 -7.95
CA ASP A 132 -4.52 -2.52 -7.84
C ASP A 132 -3.18 -2.80 -8.49
N ARG A 133 -2.52 -3.87 -8.05
CA ARG A 133 -1.27 -4.31 -8.66
C ARG A 133 -0.99 -5.77 -8.34
N GLU A 134 -0.72 -6.55 -9.38
CA GLU A 134 -0.31 -7.94 -9.20
C GLU A 134 1.19 -8.03 -8.93
N ILE A 135 1.54 -8.65 -7.81
CA ILE A 135 2.92 -8.65 -7.34
C ILE A 135 3.40 -10.07 -7.04
N ASN A 136 4.63 -10.36 -7.43
CA ASN A 136 5.22 -11.67 -7.19
C ASN A 136 5.08 -12.08 -5.73
N PRO A 137 4.93 -13.37 -5.49
CA PRO A 137 4.76 -13.89 -4.14
C PRO A 137 6.07 -13.88 -3.37
N VAL A 138 6.57 -12.69 -3.07
CA VAL A 138 7.84 -12.53 -2.37
C VAL A 138 7.70 -11.61 -1.17
N LYS A 139 8.82 -11.38 -0.49
CA LYS A 139 8.85 -10.40 0.60
C LYS A 139 8.88 -8.98 0.06
N VAL A 140 7.84 -8.21 0.37
CA VAL A 140 7.70 -6.86 -0.16
C VAL A 140 7.66 -5.83 0.96
N ASN A 141 8.60 -4.90 0.94
CA ASN A 141 8.66 -3.84 1.93
C ASN A 141 7.56 -2.81 1.72
N LEU A 142 6.60 -2.78 2.65
CA LEU A 142 5.48 -1.86 2.56
C LEU A 142 5.75 -0.60 3.38
N ALA A 143 5.30 0.54 2.87
CA ALA A 143 5.39 1.80 3.60
C ALA A 143 4.44 2.84 3.01
N LEU A 144 3.88 3.66 3.89
CA LEU A 144 2.92 4.69 3.48
C LEU A 144 3.61 6.03 3.28
N PHE A 145 3.51 6.57 2.08
CA PHE A 145 4.04 7.90 1.78
C PHE A 145 2.93 8.84 1.33
N ASP A 146 3.01 10.09 1.78
CA ASP A 146 2.11 11.13 1.29
C ASP A 146 2.88 12.17 0.47
N GLY A 147 2.89 11.98 -0.84
CA GLY A 147 3.71 12.81 -1.72
C GLY A 147 5.16 12.37 -1.70
N SER A 148 6.01 13.15 -1.02
CA SER A 148 7.39 12.75 -0.80
C SER A 148 7.67 12.55 0.69
N LYS A 149 6.63 12.63 1.49
CA LYS A 149 6.77 12.53 2.95
C LYS A 149 6.47 11.12 3.44
N LYS A 150 7.45 10.50 4.08
CA LYS A 150 7.25 9.21 4.72
C LYS A 150 6.29 9.32 5.90
N VAL A 151 5.26 8.49 5.91
CA VAL A 151 4.23 8.55 6.94
C VAL A 151 4.38 7.38 7.92
N SER A 152 4.42 6.17 7.37
CA SER A 152 4.47 4.96 8.19
C SER A 152 5.26 3.86 7.50
N ASP A 153 6.05 3.13 8.27
CA ASP A 153 6.80 2.00 7.75
C ASP A 153 6.12 0.68 8.10
N LEU A 154 5.51 0.05 7.11
CA LEU A 154 4.66 -1.13 7.34
C LEU A 154 5.49 -2.41 7.28
N LYS A 155 6.68 -2.32 6.72
CA LYS A 155 7.68 -3.37 6.83
C LYS A 155 7.44 -4.46 5.80
N PRO A 156 8.43 -5.32 5.60
CA PRO A 156 8.33 -6.41 4.65
C PRO A 156 7.18 -7.35 5.00
N VAL A 157 6.40 -7.72 4.00
CA VAL A 157 5.37 -8.75 4.17
C VAL A 157 5.53 -9.87 3.15
N THR A 158 5.07 -11.06 3.53
CA THR A 158 5.19 -12.23 2.66
C THR A 158 3.92 -12.43 1.83
N LEU A 159 4.06 -12.33 0.52
CA LEU A 159 2.93 -12.54 -0.39
C LEU A 159 2.89 -13.96 -0.90
N ALA A 160 1.70 -14.43 -1.24
CA ALA A 160 1.53 -15.77 -1.81
C ALA A 160 0.67 -15.74 -3.06
N ARG A 161 0.83 -16.75 -3.90
CA ARG A 161 0.13 -16.81 -5.19
C ARG A 161 -1.38 -16.87 -4.97
N GLY A 162 -2.09 -15.91 -5.57
CA GLY A 162 -3.54 -15.89 -5.51
C GLY A 162 -4.04 -15.16 -4.26
N GLU A 163 -3.10 -14.70 -3.45
CA GLU A 163 -3.44 -14.01 -2.21
C GLU A 163 -4.03 -12.63 -2.50
N VAL A 164 -5.13 -12.32 -1.83
CA VAL A 164 -5.79 -11.02 -1.99
C VAL A 164 -5.70 -10.20 -0.72
N VAL A 165 -5.05 -9.04 -0.81
CA VAL A 165 -4.94 -8.14 0.33
C VAL A 165 -5.27 -6.71 -0.07
N CYS A 166 -5.56 -5.88 0.93
CA CYS A 166 -5.92 -4.48 0.68
C CYS A 166 -5.51 -3.59 1.84
N LEU A 167 -4.79 -2.51 1.53
CA LEU A 167 -4.37 -1.56 2.54
C LEU A 167 -5.40 -0.42 2.69
N TYR A 168 -5.98 -0.32 3.87
CA TYR A 168 -6.98 0.72 4.14
C TYR A 168 -6.39 1.86 4.95
N VAL A 169 -6.15 2.99 4.29
CA VAL A 169 -5.55 4.15 4.94
C VAL A 169 -6.60 5.23 5.19
N THR A 170 -6.90 5.47 6.46
CA THR A 170 -7.90 6.46 6.84
C THR A 170 -7.25 7.77 7.25
N GLY A 171 -8.05 8.84 7.29
CA GLY A 171 -7.56 10.15 7.69
C GLY A 171 -8.24 10.63 8.96
N SER A 172 -7.44 11.16 9.89
CA SER A 172 -7.96 11.68 11.14
C SER A 172 -6.98 12.64 11.79
N GLY A 173 -7.41 13.87 12.00
CA GLY A 173 -6.60 14.87 12.68
C GLY A 173 -5.47 15.38 11.78
N GLY A 174 -5.59 15.10 10.48
CA GLY A 174 -4.56 15.47 9.53
C GLY A 174 -3.53 14.36 9.38
N LYS A 175 -3.72 13.28 10.12
CA LYS A 175 -2.79 12.15 10.07
C LYS A 175 -3.40 10.96 9.34
N LEU A 176 -2.55 10.06 8.87
CA LEU A 176 -3.00 8.88 8.15
C LEU A 176 -2.83 7.62 9.00
N ALA A 177 -3.82 6.73 8.91
CA ALA A 177 -3.77 5.48 9.66
C ALA A 177 -3.92 4.27 8.74
N PRO A 178 -2.79 3.74 8.29
CA PRO A 178 -2.79 2.58 7.40
C PRO A 178 -3.14 1.30 8.16
N VAL A 179 -4.14 0.57 7.64
CA VAL A 179 -4.50 -0.72 8.19
C VAL A 179 -4.52 -1.79 7.11
N TRP A 180 -3.51 -2.65 7.12
CA TRP A 180 -3.37 -3.70 6.11
C TRP A 180 -4.28 -4.88 6.42
N VAL A 181 -5.14 -5.24 5.48
CA VAL A 181 -6.11 -6.30 5.68
C VAL A 181 -5.92 -7.43 4.68
N LYS A 182 -5.92 -8.66 5.17
CA LYS A 182 -5.84 -9.83 4.30
C LYS A 182 -7.21 -10.45 4.09
N ARG A 183 -7.54 -10.78 2.84
CA ARG A 183 -8.82 -11.37 2.52
C ARG A 183 -8.67 -12.86 2.22
N LYS A 95 9.12 -14.22 -11.21
CA LYS A 95 8.59 -13.96 -9.88
C LYS A 95 7.07 -13.97 -9.88
N GLN A 96 6.48 -13.98 -8.68
CA GLN A 96 5.03 -13.98 -8.55
C GLN A 96 4.49 -12.56 -8.40
N LYS A 97 3.20 -12.39 -8.68
CA LYS A 97 2.57 -11.08 -8.56
C LYS A 97 1.29 -11.18 -7.73
N ALA A 98 0.90 -10.07 -7.12
CA ALA A 98 -0.34 -10.00 -6.35
C ALA A 98 -1.01 -8.64 -6.50
N LEU A 99 -2.17 -8.49 -5.87
CA LEU A 99 -2.94 -7.26 -5.97
C LEU A 99 -3.19 -6.66 -4.59
N VAL A 100 -3.26 -5.33 -4.53
CA VAL A 100 -3.53 -4.63 -3.28
C VAL A 100 -4.57 -3.54 -3.48
N ARG A 101 -5.44 -3.37 -2.48
CA ARG A 101 -6.47 -2.34 -2.54
C ARG A 101 -6.29 -1.31 -1.42
N VAL A 102 -5.70 -0.17 -1.76
CA VAL A 102 -5.30 0.81 -0.77
C VAL A 102 -6.46 1.73 -0.42
N GLN A 103 -6.82 1.75 0.86
CA GLN A 103 -7.82 2.69 1.36
C GLN A 103 -7.20 3.71 2.31
N ASN A 104 -6.53 4.71 1.74
CA ASN A 104 -5.80 5.69 2.54
C ASN A 104 -6.69 6.86 2.92
N LEU A 105 -6.30 7.56 3.99
CA LEU A 105 -7.02 8.75 4.43
C LEU A 105 -6.97 9.84 3.37
N SER A 106 -5.81 10.00 2.75
CA SER A 106 -5.60 11.09 1.80
C SER A 106 -6.35 10.83 0.49
N GLY A 107 -6.65 11.90 -0.23
CA GLY A 107 -7.38 11.80 -1.49
C GLY A 107 -6.50 12.19 -2.67
N SER A 108 -5.36 11.56 -2.80
CA SER A 108 -4.42 11.87 -3.86
C SER A 108 -3.69 10.62 -4.36
N LYS A 109 -3.13 10.69 -5.55
CA LYS A 109 -2.38 9.58 -6.13
C LYS A 109 -1.13 9.30 -5.31
N LEU A 110 -1.00 8.05 -4.86
CA LEU A 110 0.11 7.65 -3.99
C LEU A 110 1.08 6.73 -4.72
N THR A 111 2.31 6.66 -4.23
CA THR A 111 3.28 5.70 -4.72
C THR A 111 3.59 4.65 -3.67
N LEU A 112 3.48 3.37 -4.06
CA LEU A 112 3.82 2.27 -3.18
C LEU A 112 5.24 1.79 -3.43
N LYS A 113 6.04 1.78 -2.37
CA LYS A 113 7.43 1.31 -2.45
C LYS A 113 7.68 0.20 -1.45
N THR A 114 8.71 -0.59 -1.71
CA THR A 114 9.09 -1.68 -0.81
C THR A 114 10.56 -1.56 -0.41
N ALA A 115 11.05 -2.54 0.34
CA ALA A 115 12.38 -2.49 0.92
C ALA A 115 12.56 -1.25 1.78
N ASP A 116 11.65 -1.07 2.74
CA ASP A 116 11.69 0.11 3.61
C ASP A 116 11.37 1.39 2.83
N GLY A 117 10.48 1.27 1.86
CA GLY A 117 9.99 2.43 1.12
C GLY A 117 11.05 2.97 0.18
N LYS A 118 11.74 2.07 -0.53
CA LYS A 118 12.83 2.45 -1.40
C LYS A 118 12.54 2.08 -2.86
N THR A 119 12.15 0.83 -3.08
CA THR A 119 11.98 0.31 -4.42
C THR A 119 10.56 0.53 -4.92
N ASP A 120 10.44 1.13 -6.10
CA ASP A 120 9.13 1.43 -6.67
C ASP A 120 8.36 0.17 -7.00
N VAL A 121 7.24 -0.03 -6.31
CA VAL A 121 6.35 -1.14 -6.60
C VAL A 121 5.31 -0.76 -7.64
N VAL A 122 4.50 0.25 -7.33
CA VAL A 122 3.46 0.71 -8.23
C VAL A 122 3.07 2.15 -7.94
N LYS A 123 2.76 2.90 -8.99
CA LYS A 123 2.35 4.29 -8.84
C LYS A 123 0.87 4.46 -9.18
N ASP A 124 0.39 5.69 -9.09
CA ASP A 124 -0.99 6.00 -9.43
C ASP A 124 -1.96 5.21 -8.57
N VAL A 125 -1.64 5.11 -7.28
CA VAL A 125 -2.53 4.47 -6.31
C VAL A 125 -3.68 5.41 -5.92
N GLY A 126 -4.90 4.90 -5.99
CA GLY A 126 -6.09 5.71 -5.72
C GLY A 126 -6.74 5.30 -4.42
N PRO A 127 -6.49 6.06 -3.36
CA PRO A 127 -7.10 5.81 -2.06
C PRO A 127 -8.62 5.80 -2.17
N GLN A 128 -9.25 4.87 -1.45
CA GLN A 128 -10.71 4.83 -1.37
C GLN A 128 -11.35 4.81 -2.76
N SER A 129 -10.81 3.97 -3.64
CA SER A 129 -11.35 3.81 -4.98
C SER A 129 -11.88 2.40 -5.20
N HIS A 130 -12.26 2.11 -6.45
CA HIS A 130 -12.79 0.80 -6.79
C HIS A 130 -11.89 0.08 -7.78
N GLY A 131 -10.79 -0.47 -7.27
CA GLY A 131 -9.83 -1.19 -8.11
C GLY A 131 -8.60 -1.60 -7.32
N ASP A 132 -7.75 -2.41 -7.93
CA ASP A 132 -6.55 -2.92 -7.27
C ASP A 132 -5.29 -2.41 -7.93
N ARG A 133 -4.15 -2.60 -7.27
CA ARG A 133 -2.86 -2.21 -7.82
C ARG A 133 -1.85 -3.33 -7.69
N GLU A 134 -0.84 -3.32 -8.57
CA GLU A 134 0.21 -4.32 -8.54
C GLU A 134 1.03 -4.23 -7.25
N ILE A 135 1.24 -5.37 -6.61
CA ILE A 135 2.06 -5.43 -5.41
C ILE A 135 2.90 -6.71 -5.38
N ASN A 136 4.13 -6.59 -4.88
CA ASN A 136 5.00 -7.76 -4.71
C ASN A 136 4.56 -8.61 -3.54
N PRO A 137 4.35 -9.90 -3.81
CA PRO A 137 3.85 -10.82 -2.79
C PRO A 137 4.98 -11.26 -1.85
N VAL A 138 5.58 -10.30 -1.17
CA VAL A 138 6.66 -10.59 -0.24
C VAL A 138 6.47 -9.83 1.08
N LYS A 139 6.96 -10.42 2.16
CA LYS A 139 6.78 -9.83 3.50
C LYS A 139 7.89 -8.82 3.79
N VAL A 140 7.80 -7.66 3.16
CA VAL A 140 8.82 -6.63 3.29
C VAL A 140 8.20 -5.27 3.58
N ASN A 141 8.88 -4.49 4.42
CA ASN A 141 8.37 -3.18 4.81
C ASN A 141 7.97 -2.35 3.59
N LEU A 142 6.71 -1.97 3.54
CA LEU A 142 6.21 -1.09 2.48
C LEU A 142 6.02 0.33 2.98
N ALA A 143 5.73 1.24 2.06
CA ALA A 143 5.42 2.62 2.42
C ALA A 143 4.67 3.33 1.30
N LEU A 144 3.79 4.26 1.68
CA LEU A 144 3.07 5.07 0.70
C LEU A 144 3.61 6.49 0.67
N PHE A 145 3.78 7.03 -0.53
CA PHE A 145 4.33 8.37 -0.70
C PHE A 145 3.39 9.24 -1.53
N ASP A 146 3.35 10.53 -1.20
CA ASP A 146 2.64 11.50 -2.02
C ASP A 146 3.60 12.52 -2.63
N GLY A 147 4.14 12.18 -3.80
CA GLY A 147 5.13 13.03 -4.45
C GLY A 147 6.51 12.87 -3.82
N SER A 148 6.93 13.88 -3.07
CA SER A 148 8.18 13.82 -2.34
C SER A 148 7.94 13.62 -0.84
N LYS A 149 6.68 13.70 -0.44
CA LYS A 149 6.32 13.61 0.98
C LYS A 149 5.74 12.25 1.32
N LYS A 150 6.42 11.52 2.19
CA LYS A 150 5.94 10.22 2.65
C LYS A 150 4.64 10.37 3.43
N VAL A 151 3.65 9.55 3.08
CA VAL A 151 2.37 9.57 3.76
C VAL A 151 2.41 8.75 5.04
N SER A 152 2.84 7.49 4.92
CA SER A 152 2.89 6.59 6.07
C SER A 152 3.59 5.29 5.71
N ASP A 153 4.36 4.76 6.65
CA ASP A 153 4.99 3.45 6.48
C ASP A 153 4.01 2.33 6.78
N LEU A 154 4.14 1.22 6.04
CA LEU A 154 3.24 0.10 6.19
C LEU A 154 3.94 -1.09 6.83
N LYS A 155 3.15 -2.00 7.40
CA LYS A 155 3.69 -3.23 7.97
C LYS A 155 3.83 -4.32 6.91
N PRO A 156 4.80 -5.21 7.12
CA PRO A 156 5.01 -6.33 6.21
C PRO A 156 3.74 -7.15 6.04
N VAL A 157 3.51 -7.63 4.82
CA VAL A 157 2.33 -8.43 4.52
C VAL A 157 2.64 -9.50 3.48
N THR A 158 2.15 -10.71 3.72
CA THR A 158 2.39 -11.83 2.82
C THR A 158 1.21 -12.05 1.88
N LEU A 159 1.50 -12.15 0.59
CA LEU A 159 0.46 -12.43 -0.41
C LEU A 159 0.82 -13.65 -1.25
N ALA A 160 -0.21 -14.35 -1.73
CA ALA A 160 -0.02 -15.40 -2.71
C ALA A 160 -0.13 -14.85 -4.13
N ARG A 161 0.24 -15.66 -5.11
CA ARG A 161 0.19 -15.25 -6.51
C ARG A 161 -1.24 -14.99 -6.95
N GLY A 162 -1.57 -13.71 -7.13
CA GLY A 162 -2.90 -13.33 -7.59
C GLY A 162 -3.83 -13.04 -6.42
N GLU A 163 -3.27 -13.05 -5.21
CA GLU A 163 -4.04 -12.79 -4.00
C GLU A 163 -4.36 -11.32 -3.85
N VAL A 164 -5.59 -11.02 -3.45
CA VAL A 164 -6.02 -9.64 -3.23
C VAL A 164 -6.10 -9.33 -1.74
N VAL A 165 -5.27 -8.39 -1.29
CA VAL A 165 -5.28 -7.96 0.10
C VAL A 165 -5.56 -6.46 0.21
N CYS A 166 -6.45 -6.10 1.12
CA CYS A 166 -6.88 -4.70 1.26
C CYS A 166 -6.09 -3.98 2.34
N LEU A 167 -5.98 -2.67 2.21
CA LEU A 167 -5.26 -1.86 3.19
C LEU A 167 -6.14 -0.72 3.70
N TYR A 168 -6.41 -0.73 4.99
CA TYR A 168 -7.25 0.29 5.60
C TYR A 168 -6.45 1.16 6.56
N VAL A 169 -6.26 2.43 6.19
CA VAL A 169 -5.48 3.35 7.00
C VAL A 169 -6.38 4.26 7.82
N THR A 170 -6.33 4.10 9.14
CA THR A 170 -7.22 4.83 10.04
C THR A 170 -6.45 5.90 10.81
N GLY A 171 -7.19 6.72 11.55
CA GLY A 171 -6.58 7.76 12.38
C GLY A 171 -6.39 9.06 11.59
N SER A 172 -5.39 9.83 11.99
CA SER A 172 -5.09 11.09 11.32
C SER A 172 -3.61 11.45 11.42
N GLY A 173 -3.08 12.09 10.38
CA GLY A 173 -1.67 12.41 10.33
C GLY A 173 -1.26 13.35 11.47
N GLY A 174 -0.03 13.20 11.93
CA GLY A 174 0.92 12.29 11.32
C GLY A 174 0.98 10.96 12.07
N LYS A 175 -0.16 10.53 12.58
CA LYS A 175 -0.24 9.26 13.31
C LYS A 175 -1.27 8.33 12.66
N LEU A 176 -0.96 7.85 11.47
CA LEU A 176 -1.86 6.97 10.73
C LEU A 176 -1.62 5.51 11.10
N ALA A 177 -2.68 4.71 11.07
CA ALA A 177 -2.60 3.31 11.44
C ALA A 177 -3.09 2.41 10.31
N PRO A 178 -2.16 1.92 9.50
CA PRO A 178 -2.50 1.03 8.39
C PRO A 178 -2.88 -0.35 8.89
N VAL A 179 -3.94 -0.91 8.33
CA VAL A 179 -4.41 -2.24 8.70
C VAL A 179 -4.57 -3.12 7.47
N TRP A 180 -3.86 -4.26 7.47
CA TRP A 180 -3.97 -5.22 6.38
C TRP A 180 -5.14 -6.17 6.60
N VAL A 181 -6.01 -6.29 5.59
CA VAL A 181 -7.20 -7.10 5.71
C VAL A 181 -7.28 -8.12 4.58
N LYS A 182 -7.48 -9.38 4.94
CA LYS A 182 -7.63 -10.45 3.96
C LYS A 182 -8.95 -11.21 4.15
N ARG A 183 -9.77 -11.20 3.12
CA ARG A 183 -11.08 -11.85 3.20
C ARG A 183 -11.38 -12.63 1.91
N LYS A 95 -1.80 -18.38 -9.97
CA LYS A 95 -0.97 -17.49 -10.79
C LYS A 95 0.45 -17.38 -10.23
N GLN A 96 1.30 -16.63 -10.92
CA GLN A 96 2.68 -16.44 -10.50
C GLN A 96 2.85 -15.13 -9.75
N LYS A 97 1.77 -14.35 -9.66
CA LYS A 97 1.80 -13.06 -8.99
C LYS A 97 0.67 -12.93 -7.99
N ALA A 98 0.66 -11.81 -7.25
CA ALA A 98 -0.39 -11.54 -6.29
C ALA A 98 -1.09 -10.22 -6.60
N LEU A 99 -2.15 -9.92 -5.85
CA LEU A 99 -2.91 -8.70 -6.05
C LEU A 99 -2.88 -7.81 -4.82
N VAL A 100 -2.75 -6.50 -5.04
CA VAL A 100 -2.84 -5.54 -3.96
C VAL A 100 -3.89 -4.47 -4.25
N ARG A 101 -4.78 -4.27 -3.29
CA ARG A 101 -5.88 -3.32 -3.47
C ARG A 101 -5.86 -2.25 -2.37
N VAL A 102 -5.31 -1.10 -2.70
CA VAL A 102 -5.19 -0.01 -1.72
C VAL A 102 -6.30 1.01 -1.90
N GLN A 103 -6.99 1.32 -0.80
CA GLN A 103 -8.06 2.31 -0.83
C GLN A 103 -7.66 3.57 -0.08
N ASN A 104 -7.79 4.71 -0.76
CA ASN A 104 -7.38 5.99 -0.18
C ASN A 104 -8.59 6.78 0.32
N LEU A 105 -8.75 6.82 1.64
CA LEU A 105 -9.86 7.53 2.25
C LEU A 105 -9.38 8.82 2.92
N SER A 106 -8.34 9.43 2.35
CA SER A 106 -7.78 10.66 2.89
C SER A 106 -7.97 11.81 1.91
N GLY A 107 -7.30 12.93 2.18
CA GLY A 107 -7.35 14.10 1.31
C GLY A 107 -6.02 14.27 0.56
N SER A 108 -5.22 13.21 0.51
CA SER A 108 -3.94 13.26 -0.16
C SER A 108 -3.55 11.89 -0.71
N LYS A 109 -2.82 11.89 -1.82
CA LYS A 109 -2.41 10.65 -2.46
C LYS A 109 -1.26 9.99 -1.72
N LEU A 110 -1.03 8.72 -2.01
CA LEU A 110 -0.02 7.94 -1.29
C LEU A 110 0.58 6.87 -2.19
N THR A 111 1.72 6.31 -1.76
CA THR A 111 2.42 5.30 -2.54
C THR A 111 3.11 4.29 -1.63
N LEU A 112 3.23 3.06 -2.12
CA LEU A 112 3.90 2.00 -1.37
C LEU A 112 5.17 1.56 -2.05
N LYS A 113 6.15 1.13 -1.26
CA LYS A 113 7.46 0.76 -1.78
C LYS A 113 7.84 -0.66 -1.35
N THR A 114 8.82 -1.22 -2.04
CA THR A 114 9.30 -2.56 -1.72
C THR A 114 10.08 -2.57 -0.40
N ALA A 115 10.10 -3.72 0.27
CA ALA A 115 10.80 -3.86 1.52
C ALA A 115 12.31 -3.78 1.32
N ASP A 116 12.78 -4.27 0.18
CA ASP A 116 14.20 -4.22 -0.15
C ASP A 116 14.62 -2.83 -0.57
N GLY A 117 13.65 -2.01 -0.95
CA GLY A 117 13.92 -0.65 -1.41
C GLY A 117 14.40 -0.64 -2.86
N LYS A 118 13.95 -1.63 -3.63
CA LYS A 118 14.40 -1.79 -5.01
C LYS A 118 13.56 -0.94 -5.96
N THR A 119 12.25 -0.93 -5.74
CA THR A 119 11.34 -0.16 -6.58
C THR A 119 10.05 0.17 -5.83
N ASP A 120 9.06 0.68 -6.56
CA ASP A 120 7.76 0.99 -5.98
C ASP A 120 6.77 -0.14 -6.19
N VAL A 121 5.77 -0.21 -5.33
CA VAL A 121 4.76 -1.26 -5.40
C VAL A 121 3.42 -0.72 -5.87
N VAL A 122 2.92 0.28 -5.14
CA VAL A 122 1.65 0.91 -5.49
C VAL A 122 1.82 2.41 -5.69
N LYS A 123 1.25 2.93 -6.77
CA LYS A 123 1.40 4.34 -7.12
C LYS A 123 0.06 4.93 -7.56
N ASP A 124 -0.16 6.19 -7.22
CA ASP A 124 -1.36 6.91 -7.66
C ASP A 124 -2.63 6.17 -7.27
N VAL A 125 -2.84 6.03 -5.96
CA VAL A 125 -4.03 5.36 -5.46
C VAL A 125 -5.26 6.26 -5.57
N GLY A 126 -6.29 5.75 -6.22
CA GLY A 126 -7.54 6.50 -6.39
C GLY A 126 -8.29 6.64 -5.07
N PRO A 127 -8.98 7.76 -4.90
CA PRO A 127 -9.72 8.02 -3.67
C PRO A 127 -10.99 7.18 -3.60
N GLN A 128 -11.28 6.64 -2.42
CA GLN A 128 -12.49 5.87 -2.20
C GLN A 128 -12.65 4.79 -3.27
N SER A 129 -11.58 4.04 -3.50
CA SER A 129 -11.60 2.96 -4.48
C SER A 129 -10.45 1.99 -4.26
N HIS A 130 -10.73 0.67 -4.46
CA HIS A 130 -9.69 -0.33 -4.25
C HIS A 130 -8.74 -0.38 -5.43
N GLY A 131 -7.71 0.46 -5.37
CA GLY A 131 -6.68 0.49 -6.39
C GLY A 131 -6.02 -0.88 -6.54
N ASP A 132 -6.59 -1.72 -7.40
CA ASP A 132 -6.03 -3.04 -7.67
C ASP A 132 -4.73 -2.93 -8.46
N ARG A 133 -3.71 -3.66 -8.00
CA ARG A 133 -2.40 -3.63 -8.66
C ARG A 133 -1.87 -5.05 -8.86
N GLU A 134 -1.24 -5.28 -10.01
CA GLU A 134 -0.56 -6.53 -10.27
C GLU A 134 0.86 -6.53 -9.71
N ILE A 135 1.04 -7.21 -8.58
CA ILE A 135 2.28 -7.10 -7.82
C ILE A 135 3.00 -8.45 -7.75
N ASN A 136 4.32 -8.42 -7.92
CA ASN A 136 5.13 -9.62 -7.80
C ASN A 136 5.05 -10.19 -6.39
N PRO A 137 5.29 -11.49 -6.27
CA PRO A 137 5.23 -12.18 -4.98
C PRO A 137 6.45 -11.86 -4.13
N VAL A 138 6.51 -10.62 -3.63
CA VAL A 138 7.65 -10.18 -2.85
C VAL A 138 7.21 -9.52 -1.56
N LYS A 139 8.16 -9.30 -0.65
CA LYS A 139 7.90 -8.56 0.57
C LYS A 139 7.88 -7.06 0.33
N VAL A 140 6.84 -6.39 0.81
CA VAL A 140 6.62 -4.99 0.50
C VAL A 140 6.57 -4.14 1.77
N ASN A 141 6.97 -2.88 1.66
CA ASN A 141 6.98 -1.98 2.79
C ASN A 141 5.74 -1.09 2.79
N LEU A 142 4.85 -1.32 3.74
CA LEU A 142 3.58 -0.60 3.80
C LEU A 142 3.76 0.78 4.42
N ALA A 143 4.62 1.59 3.81
CA ALA A 143 4.86 2.95 4.28
C ALA A 143 4.18 3.97 3.37
N LEU A 144 3.62 5.01 3.97
CA LEU A 144 2.88 6.02 3.23
C LEU A 144 3.70 7.28 3.04
N PHE A 145 3.67 7.84 1.84
CA PHE A 145 4.45 9.02 1.52
C PHE A 145 3.58 10.11 0.88
N ASP A 146 3.94 11.36 1.12
CA ASP A 146 3.26 12.49 0.51
C ASP A 146 4.25 13.45 -0.13
N GLY A 147 4.47 13.29 -1.44
CA GLY A 147 5.45 14.10 -2.15
C GLY A 147 6.86 13.56 -1.93
N SER A 148 7.63 14.28 -1.10
CA SER A 148 8.95 13.81 -0.69
C SER A 148 9.00 13.54 0.80
N LYS A 149 7.85 13.63 1.46
CA LYS A 149 7.77 13.46 2.90
C LYS A 149 7.22 12.10 3.26
N LYS A 150 7.88 11.43 4.22
CA LYS A 150 7.36 10.19 4.78
C LYS A 150 6.31 10.47 5.85
N VAL A 151 5.14 9.83 5.71
CA VAL A 151 4.00 10.13 6.56
C VAL A 151 3.81 9.05 7.63
N SER A 152 3.75 7.80 7.18
CA SER A 152 3.43 6.69 8.06
C SER A 152 4.22 5.44 7.70
N ASP A 153 4.52 4.62 8.70
CA ASP A 153 5.33 3.42 8.49
C ASP A 153 4.66 2.20 9.11
N LEU A 154 3.93 1.45 8.31
CA LEU A 154 3.30 0.22 8.76
C LEU A 154 4.16 -1.01 8.46
N LYS A 155 4.26 -1.91 9.42
CA LYS A 155 5.17 -3.04 9.32
C LYS A 155 5.07 -3.70 7.95
N PRO A 156 6.20 -3.81 7.26
CA PRO A 156 6.26 -4.48 5.97
C PRO A 156 5.71 -5.90 6.06
N VAL A 157 5.08 -6.36 4.99
CA VAL A 157 4.47 -7.69 4.96
C VAL A 157 4.94 -8.49 3.76
N THR A 158 4.94 -9.82 3.90
CA THR A 158 5.34 -10.70 2.82
C THR A 158 4.14 -11.13 1.99
N LEU A 159 4.14 -10.78 0.71
CA LEU A 159 3.03 -11.11 -0.17
C LEU A 159 3.40 -12.25 -1.12
N ALA A 160 2.73 -13.38 -0.96
CA ALA A 160 2.99 -14.55 -1.79
C ALA A 160 2.04 -14.61 -2.98
N ARG A 161 2.46 -15.28 -4.04
CA ARG A 161 1.66 -15.38 -5.25
C ARG A 161 0.34 -16.08 -4.97
N GLY A 162 -0.73 -15.57 -5.57
CA GLY A 162 -2.06 -16.16 -5.41
C GLY A 162 -2.84 -15.45 -4.31
N GLU A 163 -2.14 -14.71 -3.47
CA GLU A 163 -2.77 -14.03 -2.35
C GLU A 163 -3.32 -12.68 -2.77
N VAL A 164 -4.42 -12.27 -2.14
CA VAL A 164 -4.99 -10.96 -2.36
C VAL A 164 -5.07 -10.16 -1.06
N VAL A 165 -4.40 -9.01 -1.04
CA VAL A 165 -4.34 -8.18 0.16
C VAL A 165 -4.84 -6.77 -0.13
N CYS A 166 -5.41 -6.13 0.88
CA CYS A 166 -5.89 -4.76 0.75
C CYS A 166 -5.23 -3.84 1.79
N LEU A 167 -5.24 -2.55 1.52
CA LEU A 167 -4.74 -1.56 2.46
C LEU A 167 -5.69 -0.37 2.56
N TYR A 168 -6.26 -0.17 3.74
CA TYR A 168 -7.25 0.88 3.96
C TYR A 168 -6.66 2.05 4.73
N VAL A 169 -6.40 3.15 4.02
CA VAL A 169 -5.77 4.32 4.63
C VAL A 169 -6.79 5.42 4.89
N THR A 170 -6.85 5.88 6.13
CA THR A 170 -7.76 6.96 6.51
C THR A 170 -7.02 8.08 7.21
N GLY A 171 -7.77 9.03 7.77
CA GLY A 171 -7.18 10.17 8.45
C GLY A 171 -7.38 10.08 9.96
N SER A 172 -6.32 10.37 10.71
CA SER A 172 -6.38 10.36 12.17
C SER A 172 -5.26 11.20 12.77
N GLY A 173 -5.65 12.25 13.48
CA GLY A 173 -4.68 13.11 14.16
C GLY A 173 -3.97 14.02 13.18
N GLY A 174 -4.50 14.12 11.96
CA GLY A 174 -3.89 14.92 10.92
C GLY A 174 -2.91 14.09 10.10
N LYS A 175 -2.80 12.81 10.44
CA LYS A 175 -1.88 11.90 9.75
C LYS A 175 -2.64 10.77 9.07
N LEU A 176 -1.95 10.03 8.20
CA LEU A 176 -2.54 8.88 7.52
C LEU A 176 -2.50 7.64 8.40
N ALA A 177 -3.57 6.86 8.37
CA ALA A 177 -3.68 5.66 9.19
C ALA A 177 -3.97 4.44 8.33
N PRO A 178 -2.92 3.72 7.96
CA PRO A 178 -3.05 2.53 7.12
C PRO A 178 -3.58 1.35 7.91
N VAL A 179 -4.49 0.61 7.30
CA VAL A 179 -4.98 -0.64 7.89
C VAL A 179 -4.87 -1.80 6.90
N TRP A 180 -3.90 -2.69 7.14
CA TRP A 180 -3.66 -3.81 6.24
C TRP A 180 -4.65 -4.93 6.48
N VAL A 181 -5.31 -5.37 5.41
CA VAL A 181 -6.29 -6.45 5.50
C VAL A 181 -6.00 -7.54 4.48
N LYS A 182 -5.54 -8.70 4.96
CA LYS A 182 -5.31 -9.85 4.11
C LYS A 182 -6.59 -10.64 3.89
N ARG A 183 -6.92 -10.89 2.63
CA ARG A 183 -8.16 -11.60 2.30
C ARG A 183 -7.85 -12.95 1.65
N LYS A 95 1.91 -20.84 -3.96
CA LYS A 95 1.70 -19.61 -4.71
C LYS A 95 2.93 -18.72 -4.65
N GLN A 96 3.52 -18.46 -5.81
CA GLN A 96 4.76 -17.68 -5.89
C GLN A 96 4.50 -16.28 -6.44
N LYS A 97 3.24 -15.85 -6.38
CA LYS A 97 2.87 -14.53 -6.85
C LYS A 97 1.75 -13.94 -6.00
N ALA A 98 2.01 -12.75 -5.42
CA ALA A 98 1.02 -12.06 -4.61
C ALA A 98 0.42 -10.89 -5.37
N LEU A 99 -0.71 -10.39 -4.88
CA LEU A 99 -1.40 -9.27 -5.51
C LEU A 99 -2.14 -8.43 -4.49
N VAL A 100 -1.80 -7.14 -4.42
CA VAL A 100 -2.36 -6.25 -3.42
C VAL A 100 -3.15 -5.13 -4.07
N ARG A 101 -4.37 -4.90 -3.57
CA ARG A 101 -5.16 -3.76 -3.99
C ARG A 101 -5.13 -2.65 -2.96
N VAL A 102 -4.58 -1.50 -3.33
CA VAL A 102 -4.39 -0.40 -2.41
C VAL A 102 -5.40 0.72 -2.67
N GLN A 103 -6.15 1.10 -1.63
CA GLN A 103 -7.20 2.10 -1.76
C GLN A 103 -6.93 3.29 -0.84
N ASN A 104 -6.94 4.49 -1.42
CA ASN A 104 -6.79 5.71 -0.65
C ASN A 104 -8.15 6.24 -0.17
N LEU A 105 -8.39 6.15 1.12
CA LEU A 105 -9.63 6.66 1.71
C LEU A 105 -9.35 7.88 2.60
N SER A 106 -8.15 8.44 2.46
CA SER A 106 -7.75 9.59 3.26
C SER A 106 -8.22 10.90 2.62
N GLY A 107 -7.91 12.01 3.27
CA GLY A 107 -8.25 13.33 2.74
C GLY A 107 -7.06 13.95 2.01
N SER A 108 -6.06 13.13 1.73
CA SER A 108 -4.85 13.61 1.04
C SER A 108 -4.41 12.64 -0.04
N LYS A 109 -3.19 12.83 -0.53
CA LYS A 109 -2.67 11.99 -1.61
C LYS A 109 -1.83 10.85 -1.07
N LEU A 110 -2.02 9.67 -1.63
CA LEU A 110 -1.30 8.47 -1.19
C LEU A 110 -0.15 8.14 -2.14
N THR A 111 1.03 7.90 -1.57
CA THR A 111 2.20 7.52 -2.36
C THR A 111 2.88 6.29 -1.79
N LEU A 112 3.26 5.36 -2.66
CA LEU A 112 4.07 4.21 -2.26
C LEU A 112 5.33 4.12 -3.10
N LYS A 113 6.43 3.71 -2.47
CA LYS A 113 7.71 3.61 -3.15
C LYS A 113 8.23 2.18 -3.14
N THR A 114 9.21 1.91 -4.00
CA THR A 114 9.75 0.55 -4.14
C THR A 114 10.68 0.22 -2.96
N ALA A 115 10.94 -1.07 -2.79
CA ALA A 115 11.72 -1.54 -1.64
C ALA A 115 13.15 -1.02 -1.70
N ASP A 116 13.73 -1.03 -2.90
CA ASP A 116 15.10 -0.60 -3.09
C ASP A 116 15.20 0.93 -3.11
N GLY A 117 14.08 1.59 -3.35
CA GLY A 117 14.05 3.04 -3.45
C GLY A 117 14.52 3.51 -4.82
N LYS A 118 14.42 2.63 -5.80
CA LYS A 118 14.87 2.94 -7.16
C LYS A 118 13.83 3.80 -7.89
N THR A 119 12.56 3.53 -7.64
CA THR A 119 11.48 4.33 -8.22
C THR A 119 10.23 4.27 -7.35
N ASP A 120 9.12 4.76 -7.89
CA ASP A 120 7.85 4.77 -7.17
C ASP A 120 6.97 3.60 -7.60
N VAL A 121 6.12 3.14 -6.69
CA VAL A 121 5.10 2.15 -7.02
C VAL A 121 3.82 2.82 -7.48
N VAL A 122 3.39 3.83 -6.73
CA VAL A 122 2.24 4.65 -7.12
C VAL A 122 2.24 5.98 -6.37
N LYS A 123 1.81 7.04 -7.06
CA LYS A 123 1.85 8.38 -6.50
C LYS A 123 0.67 9.21 -6.97
N ASP A 124 0.34 10.27 -6.23
CA ASP A 124 -0.75 11.16 -6.59
C ASP A 124 -2.07 10.40 -6.65
N VAL A 125 -2.31 9.54 -5.66
CA VAL A 125 -3.58 8.84 -5.55
C VAL A 125 -4.59 9.65 -4.75
N GLY A 126 -5.69 9.99 -5.38
CA GLY A 126 -6.70 10.86 -4.77
C GLY A 126 -7.62 10.07 -3.84
N PRO A 127 -8.37 10.78 -3.02
CA PRO A 127 -9.32 10.15 -2.11
C PRO A 127 -10.32 9.30 -2.88
N GLN A 128 -10.76 8.21 -2.25
CA GLN A 128 -11.74 7.32 -2.86
C GLN A 128 -11.27 6.81 -4.20
N SER A 129 -10.05 6.29 -4.24
CA SER A 129 -9.53 5.63 -5.43
C SER A 129 -8.53 4.54 -5.06
N HIS A 130 -8.34 3.58 -5.98
CA HIS A 130 -7.52 2.42 -5.69
C HIS A 130 -6.88 1.87 -6.97
N GLY A 131 -5.92 0.97 -6.80
CA GLY A 131 -5.29 0.30 -7.94
C GLY A 131 -4.57 -0.96 -7.50
N ASP A 132 -4.28 -1.83 -8.46
CA ASP A 132 -3.67 -3.12 -8.16
C ASP A 132 -2.16 -3.10 -8.46
N ARG A 133 -1.40 -3.81 -7.64
CA ARG A 133 0.04 -3.94 -7.86
C ARG A 133 0.51 -5.36 -7.59
N GLU A 134 1.25 -5.93 -8.53
CA GLU A 134 1.78 -7.28 -8.40
C GLU A 134 3.09 -7.28 -7.61
N ILE A 135 3.30 -8.32 -6.82
CA ILE A 135 4.50 -8.44 -6.00
C ILE A 135 4.74 -9.88 -5.57
N ASN A 136 6.00 -10.23 -5.36
CA ASN A 136 6.36 -11.54 -4.85
C ASN A 136 6.02 -11.69 -3.38
N PRO A 137 5.55 -12.87 -2.99
CA PRO A 137 5.15 -13.13 -1.62
C PRO A 137 6.35 -13.37 -0.73
N VAL A 138 7.24 -12.38 -0.64
CA VAL A 138 8.46 -12.51 0.14
C VAL A 138 8.66 -11.29 1.04
N LYS A 139 9.74 -11.32 1.83
CA LYS A 139 10.08 -10.19 2.69
C LYS A 139 10.53 -8.99 1.87
N VAL A 140 9.73 -7.93 1.88
CA VAL A 140 10.04 -6.72 1.12
C VAL A 140 9.95 -5.48 2.00
N ASN A 141 10.51 -4.38 1.51
CA ASN A 141 10.50 -3.13 2.25
C ASN A 141 9.38 -2.21 1.76
N LEU A 142 8.28 -2.20 2.51
CA LEU A 142 7.15 -1.33 2.18
C LEU A 142 7.09 -0.13 3.12
N ALA A 143 6.63 1.00 2.60
CA ALA A 143 6.56 2.23 3.37
C ALA A 143 5.38 3.09 2.93
N LEU A 144 4.87 3.90 3.86
CA LEU A 144 3.65 4.67 3.62
C LEU A 144 3.94 6.16 3.57
N PHE A 145 3.60 6.78 2.44
CA PHE A 145 3.89 8.19 2.22
C PHE A 145 2.62 8.99 2.02
N ASP A 146 2.57 10.19 2.60
CA ASP A 146 1.50 11.13 2.33
C ASP A 146 1.97 12.26 1.40
N GLY A 147 1.67 12.11 0.11
CA GLY A 147 2.18 13.03 -0.89
C GLY A 147 3.64 12.74 -1.22
N SER A 148 4.53 13.56 -0.70
CA SER A 148 5.97 13.33 -0.85
C SER A 148 6.64 13.12 0.51
N LYS A 149 5.85 13.17 1.57
CA LYS A 149 6.37 13.04 2.92
C LYS A 149 5.98 11.70 3.53
N LYS A 150 6.97 11.00 4.09
CA LYS A 150 6.73 9.70 4.69
C LYS A 150 5.92 9.82 5.98
N VAL A 151 4.96 8.92 6.15
CA VAL A 151 4.20 8.85 7.39
C VAL A 151 4.72 7.75 8.30
N SER A 152 4.83 6.54 7.75
CA SER A 152 5.30 5.39 8.52
C SER A 152 5.74 4.25 7.60
N ASP A 153 5.75 3.03 8.14
CA ASP A 153 6.10 1.86 7.35
C ASP A 153 4.92 0.92 7.20
N LEU A 154 4.98 0.04 6.21
CA LEU A 154 3.92 -0.94 5.98
C LEU A 154 4.42 -2.36 6.18
N LYS A 155 3.51 -3.25 6.56
CA LYS A 155 3.85 -4.65 6.77
C LYS A 155 3.50 -5.49 5.55
N PRO A 156 4.51 -6.10 4.94
CA PRO A 156 4.32 -6.98 3.80
C PRO A 156 3.32 -8.08 4.13
N VAL A 157 2.34 -8.26 3.24
CA VAL A 157 1.38 -9.35 3.38
C VAL A 157 1.39 -10.25 2.15
N THR A 158 1.55 -11.55 2.37
CA THR A 158 1.61 -12.51 1.27
C THR A 158 0.21 -12.93 0.84
N LEU A 159 0.13 -13.58 -0.32
CA LEU A 159 -1.15 -13.98 -0.88
C LEU A 159 -1.08 -15.41 -1.44
N ALA A 160 -1.97 -16.27 -0.95
CA ALA A 160 -2.06 -17.63 -1.44
C ALA A 160 -3.18 -17.79 -2.46
N ARG A 161 -3.16 -18.89 -3.20
CA ARG A 161 -4.21 -19.17 -4.18
C ARG A 161 -5.59 -19.10 -3.55
N GLY A 162 -6.41 -18.16 -4.01
CA GLY A 162 -7.77 -18.01 -3.52
C GLY A 162 -7.86 -16.87 -2.51
N GLU A 163 -6.70 -16.43 -2.02
CA GLU A 163 -6.64 -15.34 -1.04
C GLU A 163 -6.62 -13.98 -1.71
N VAL A 164 -7.28 -13.01 -1.10
CA VAL A 164 -7.24 -11.63 -1.56
C VAL A 164 -6.66 -10.71 -0.50
N VAL A 165 -5.67 -9.90 -0.90
CA VAL A 165 -5.04 -8.96 0.02
C VAL A 165 -5.28 -7.52 -0.40
N CYS A 166 -5.83 -6.73 0.51
CA CYS A 166 -6.12 -5.32 0.24
C CYS A 166 -5.46 -4.42 1.28
N LEU A 167 -5.23 -3.16 0.89
CA LEU A 167 -4.71 -2.17 1.81
C LEU A 167 -5.55 -0.90 1.80
N TYR A 168 -6.13 -0.56 2.94
CA TYR A 168 -6.99 0.62 3.04
C TYR A 168 -6.35 1.70 3.91
N VAL A 169 -5.99 2.81 3.29
CA VAL A 169 -5.32 3.90 3.99
C VAL A 169 -6.26 5.09 4.19
N THR A 170 -6.49 5.45 5.44
CA THR A 170 -7.38 6.56 5.77
C THR A 170 -6.68 7.60 6.63
N GLY A 171 -7.46 8.54 7.17
CA GLY A 171 -6.90 9.63 7.96
C GLY A 171 -7.24 9.44 9.44
N SER A 172 -6.24 9.64 10.30
CA SER A 172 -6.45 9.55 11.74
C SER A 172 -5.34 10.27 12.50
N GLY A 173 -5.72 11.29 13.26
CA GLY A 173 -4.76 12.02 14.10
C GLY A 173 -3.90 12.95 13.26
N GLY A 174 -4.31 13.19 12.02
CA GLY A 174 -3.55 14.03 11.11
C GLY A 174 -2.57 13.21 10.28
N LYS A 175 -2.55 11.91 10.53
CA LYS A 175 -1.64 11.01 9.80
C LYS A 175 -2.42 9.94 9.04
N LEU A 176 -1.73 9.21 8.18
CA LEU A 176 -2.33 8.12 7.44
C LEU A 176 -2.46 6.87 8.30
N ALA A 177 -3.56 6.15 8.14
CA ALA A 177 -3.80 4.92 8.90
C ALA A 177 -4.06 3.75 7.96
N PRO A 178 -3.03 2.96 7.72
CA PRO A 178 -3.12 1.83 6.79
C PRO A 178 -3.82 0.64 7.45
N VAL A 179 -4.65 -0.05 6.68
CA VAL A 179 -5.31 -1.25 7.15
C VAL A 179 -5.15 -2.41 6.17
N TRP A 180 -4.37 -3.40 6.59
CA TRP A 180 -4.19 -4.61 5.77
C TRP A 180 -5.32 -5.60 5.98
N VAL A 181 -5.93 -6.03 4.89
CA VAL A 181 -7.06 -6.95 4.95
C VAL A 181 -6.80 -8.21 4.15
N LYS A 182 -6.95 -9.36 4.80
CA LYS A 182 -6.84 -10.65 4.12
C LYS A 182 -8.20 -11.33 4.02
N ARG A 183 -8.49 -11.86 2.83
CA ARG A 183 -9.75 -12.57 2.61
C ARG A 183 -9.51 -14.01 2.19
N LYS A 95 -3.11 -18.28 -9.98
CA LYS A 95 -2.00 -17.48 -10.50
C LYS A 95 -0.69 -17.84 -9.80
N GLN A 96 0.39 -17.19 -10.20
CA GLN A 96 1.71 -17.45 -9.64
C GLN A 96 2.20 -16.26 -8.81
N LYS A 97 1.25 -15.43 -8.38
CA LYS A 97 1.60 -14.22 -7.63
C LYS A 97 0.38 -13.69 -6.87
N ALA A 98 0.64 -12.76 -5.95
CA ALA A 98 -0.42 -12.23 -5.09
C ALA A 98 -1.04 -10.98 -5.69
N LEU A 99 -2.28 -10.69 -5.31
CA LEU A 99 -2.96 -9.48 -5.75
C LEU A 99 -3.16 -8.51 -4.58
N VAL A 100 -2.62 -7.30 -4.72
CA VAL A 100 -2.75 -6.30 -3.67
C VAL A 100 -3.66 -5.16 -4.11
N ARG A 101 -4.68 -4.89 -3.31
CA ARG A 101 -5.60 -3.78 -3.57
C ARG A 101 -5.53 -2.74 -2.47
N VAL A 102 -5.27 -1.49 -2.86
CA VAL A 102 -5.09 -0.41 -1.90
C VAL A 102 -6.19 0.63 -2.03
N GLN A 103 -6.80 0.99 -0.90
CA GLN A 103 -7.86 1.98 -0.88
C GLN A 103 -7.43 3.25 -0.14
N ASN A 104 -7.63 4.39 -0.77
CA ASN A 104 -7.32 5.68 -0.14
C ASN A 104 -8.58 6.50 0.11
N LEU A 105 -8.86 6.77 1.38
CA LEU A 105 -10.01 7.59 1.75
C LEU A 105 -9.58 9.00 2.12
N SER A 106 -8.28 9.20 2.23
CA SER A 106 -7.74 10.51 2.62
C SER A 106 -7.68 11.46 1.43
N GLY A 107 -7.68 12.75 1.71
CA GLY A 107 -7.76 13.77 0.67
C GLY A 107 -6.37 14.05 0.09
N SER A 108 -5.34 13.57 0.77
CA SER A 108 -3.97 13.77 0.33
C SER A 108 -3.49 12.60 -0.52
N LYS A 109 -2.33 12.77 -1.15
CA LYS A 109 -1.80 11.78 -2.07
C LYS A 109 -1.26 10.56 -1.33
N LEU A 110 -1.60 9.37 -1.82
CA LEU A 110 -1.06 8.14 -1.28
C LEU A 110 -0.07 7.50 -2.23
N THR A 111 1.17 7.33 -1.76
CA THR A 111 2.18 6.62 -2.54
C THR A 111 2.87 5.54 -1.70
N LEU A 112 2.95 4.34 -2.25
CA LEU A 112 3.55 3.21 -1.54
C LEU A 112 4.86 2.77 -2.21
N LYS A 113 5.97 2.92 -1.47
CA LYS A 113 7.27 2.50 -1.97
C LYS A 113 7.88 1.42 -1.08
N THR A 114 8.78 0.63 -1.65
CA THR A 114 9.42 -0.45 -0.91
C THR A 114 10.61 0.05 -0.11
N ALA A 115 10.95 -0.66 0.96
CA ALA A 115 12.03 -0.23 1.85
C ALA A 115 13.36 -0.20 1.14
N ASP A 116 13.95 0.99 1.03
CA ASP A 116 15.26 1.15 0.42
C ASP A 116 15.28 0.57 -0.99
N GLY A 117 14.16 0.68 -1.69
CA GLY A 117 14.06 0.21 -3.06
C GLY A 117 14.02 1.38 -4.04
N LYS A 118 13.76 1.07 -5.30
CA LYS A 118 13.65 2.10 -6.33
C LYS A 118 12.37 1.93 -7.15
N THR A 119 11.66 0.83 -6.90
CA THR A 119 10.41 0.56 -7.60
C THR A 119 9.22 0.60 -6.64
N ASP A 120 8.22 1.39 -6.98
CA ASP A 120 7.03 1.51 -6.15
C ASP A 120 5.95 0.53 -6.57
N VAL A 121 4.81 0.56 -5.88
CA VAL A 121 3.67 -0.27 -6.25
C VAL A 121 2.40 0.56 -6.36
N VAL A 122 2.32 1.63 -5.58
CA VAL A 122 1.21 2.57 -5.68
C VAL A 122 1.71 4.01 -5.68
N LYS A 123 1.15 4.83 -6.56
CA LYS A 123 1.59 6.22 -6.71
C LYS A 123 0.43 7.11 -7.11
N ASP A 124 0.38 8.30 -6.51
CA ASP A 124 -0.59 9.33 -6.91
C ASP A 124 -2.01 8.80 -6.84
N VAL A 125 -2.43 8.40 -5.64
CA VAL A 125 -3.82 8.01 -5.40
C VAL A 125 -4.52 9.01 -4.50
N GLY A 126 -5.69 9.48 -4.94
CA GLY A 126 -6.43 10.50 -4.20
C GLY A 126 -7.51 9.86 -3.33
N PRO A 127 -8.45 10.67 -2.87
CA PRO A 127 -9.52 10.19 -2.00
C PRO A 127 -10.51 9.34 -2.78
N GLN A 128 -11.10 8.36 -2.10
CA GLN A 128 -12.10 7.49 -2.72
C GLN A 128 -11.58 6.89 -4.01
N SER A 129 -10.39 6.29 -3.94
CA SER A 129 -9.74 5.73 -5.12
C SER A 129 -9.01 4.44 -4.78
N HIS A 130 -8.95 3.53 -5.75
CA HIS A 130 -8.35 2.21 -5.52
C HIS A 130 -7.24 1.94 -6.54
N GLY A 131 -6.24 1.16 -6.11
CA GLY A 131 -5.18 0.73 -7.01
C GLY A 131 -4.90 -0.75 -6.85
N ASP A 132 -4.81 -1.47 -7.97
CA ASP A 132 -4.47 -2.89 -7.96
C ASP A 132 -3.05 -3.13 -8.44
N ARG A 133 -2.32 -3.98 -7.73
CA ARG A 133 -0.96 -4.32 -8.12
C ARG A 133 -0.65 -5.78 -7.81
N GLU A 134 -0.35 -6.55 -8.84
CA GLU A 134 0.06 -7.94 -8.68
C GLU A 134 1.55 -8.05 -8.36
N ILE A 135 1.87 -8.75 -7.28
CA ILE A 135 3.25 -8.82 -6.81
C ILE A 135 3.65 -10.27 -6.53
N ASN A 136 4.86 -10.63 -6.94
CA ASN A 136 5.35 -11.99 -6.78
C ASN A 136 5.34 -12.41 -5.31
N PRO A 137 5.25 -13.71 -5.08
CA PRO A 137 5.18 -14.24 -3.71
C PRO A 137 6.46 -13.97 -2.95
N VAL A 138 6.61 -12.74 -2.47
CA VAL A 138 7.76 -12.35 -1.66
C VAL A 138 7.35 -11.50 -0.47
N LYS A 139 8.27 -11.33 0.47
CA LYS A 139 8.05 -10.42 1.59
C LYS A 139 8.25 -8.96 1.16
N VAL A 140 7.17 -8.18 1.24
CA VAL A 140 7.19 -6.81 0.75
C VAL A 140 7.05 -5.82 1.90
N ASN A 141 8.04 -4.94 2.04
CA ASN A 141 8.00 -3.89 3.05
C ASN A 141 7.70 -2.53 2.43
N LEU A 142 6.44 -2.11 2.51
CA LEU A 142 6.03 -0.83 1.95
C LEU A 142 6.05 0.26 3.00
N ALA A 143 5.94 1.51 2.54
CA ALA A 143 5.84 2.65 3.44
C ALA A 143 4.91 3.72 2.89
N LEU A 144 4.23 4.44 3.79
CA LEU A 144 3.31 5.49 3.38
C LEU A 144 4.04 6.77 3.03
N PHE A 145 3.91 7.19 1.77
CA PHE A 145 4.45 8.48 1.33
C PHE A 145 3.34 9.44 0.95
N ASP A 146 3.60 10.74 1.09
CA ASP A 146 2.62 11.75 0.79
C ASP A 146 3.28 13.03 0.27
N GLY A 147 3.27 13.20 -1.04
CA GLY A 147 3.88 14.37 -1.67
C GLY A 147 5.40 14.20 -1.78
N SER A 148 6.13 14.93 -0.94
CA SER A 148 7.58 14.87 -0.95
C SER A 148 8.12 14.35 0.38
N LYS A 149 7.22 13.87 1.23
CA LYS A 149 7.60 13.40 2.55
C LYS A 149 7.05 11.99 2.81
N LYS A 150 7.59 11.33 3.82
CA LYS A 150 7.08 10.03 4.25
C LYS A 150 6.23 10.16 5.51
N VAL A 151 5.10 9.47 5.51
CA VAL A 151 4.17 9.53 6.65
C VAL A 151 4.53 8.50 7.71
N SER A 152 4.62 7.24 7.30
CA SER A 152 4.86 6.15 8.23
C SER A 152 5.10 4.83 7.50
N ASP A 153 6.02 4.03 8.01
CA ASP A 153 6.31 2.72 7.42
C ASP A 153 5.16 1.75 7.64
N LEU A 154 5.00 0.81 6.71
CA LEU A 154 3.98 -0.22 6.84
C LEU A 154 4.59 -1.54 7.26
N LYS A 155 3.78 -2.38 7.92
CA LYS A 155 4.20 -3.70 8.32
C LYS A 155 4.49 -4.58 7.11
N PRO A 156 5.67 -5.18 7.07
CA PRO A 156 6.04 -6.09 6.01
C PRO A 156 5.03 -7.21 5.86
N VAL A 157 4.65 -7.50 4.62
CA VAL A 157 3.68 -8.56 4.34
C VAL A 157 4.29 -9.64 3.44
N THR A 158 4.27 -10.88 3.91
CA THR A 158 4.70 -12.00 3.10
C THR A 158 3.60 -12.48 2.15
N LEU A 159 3.87 -12.40 0.86
CA LEU A 159 2.86 -12.69 -0.16
C LEU A 159 2.98 -14.13 -0.65
N ALA A 160 1.85 -14.75 -0.93
CA ALA A 160 1.82 -16.07 -1.54
C ALA A 160 1.04 -16.07 -2.85
N ARG A 161 1.43 -16.95 -3.77
CA ARG A 161 0.73 -17.08 -5.04
C ARG A 161 -0.78 -17.29 -4.83
N GLY A 162 -1.57 -16.38 -5.38
CA GLY A 162 -3.03 -16.52 -5.32
C GLY A 162 -3.60 -15.77 -4.13
N GLU A 163 -2.73 -15.26 -3.27
CA GLU A 163 -3.15 -14.57 -2.06
C GLU A 163 -3.68 -13.17 -2.39
N VAL A 164 -4.80 -12.81 -1.75
CA VAL A 164 -5.38 -11.49 -1.93
C VAL A 164 -5.21 -10.64 -0.67
N VAL A 165 -4.49 -9.53 -0.81
CA VAL A 165 -4.20 -8.67 0.33
C VAL A 165 -4.71 -7.25 0.07
N CYS A 166 -5.43 -6.69 1.03
CA CYS A 166 -5.99 -5.36 0.91
C CYS A 166 -5.36 -4.39 1.91
N LEU A 167 -5.21 -3.14 1.51
CA LEU A 167 -4.72 -2.10 2.41
C LEU A 167 -5.65 -0.89 2.42
N TYR A 168 -6.24 -0.62 3.59
CA TYR A 168 -7.19 0.47 3.72
C TYR A 168 -6.58 1.65 4.47
N VAL A 169 -6.30 2.72 3.75
CA VAL A 169 -5.68 3.91 4.34
C VAL A 169 -6.65 5.07 4.42
N THR A 170 -6.88 5.57 5.63
CA THR A 170 -7.75 6.71 5.84
C THR A 170 -7.05 7.81 6.63
N GLY A 171 -7.81 8.82 7.04
CA GLY A 171 -7.25 9.96 7.76
C GLY A 171 -7.66 9.92 9.22
N SER A 172 -6.70 10.17 10.10
CA SER A 172 -6.95 10.21 11.54
C SER A 172 -5.87 10.99 12.28
N GLY A 173 -6.26 12.10 12.89
CA GLY A 173 -5.34 12.90 13.69
C GLY A 173 -4.40 13.71 12.78
N GLY A 174 -4.76 13.81 11.51
CA GLY A 174 -3.94 14.52 10.54
C GLY A 174 -2.93 13.59 9.88
N LYS A 175 -2.96 12.32 10.26
CA LYS A 175 -2.05 11.33 9.73
C LYS A 175 -2.80 10.22 9.01
N LEU A 176 -2.07 9.38 8.28
CA LEU A 176 -2.67 8.25 7.58
C LEU A 176 -2.86 7.06 8.52
N ALA A 177 -3.97 6.35 8.34
CA ALA A 177 -4.27 5.18 9.16
C ALA A 177 -4.46 3.94 8.31
N PRO A 178 -3.39 3.18 8.11
CA PRO A 178 -3.44 2.00 7.26
C PRO A 178 -4.04 0.81 8.01
N VAL A 179 -4.81 0.00 7.29
CA VAL A 179 -5.33 -1.25 7.83
C VAL A 179 -5.10 -2.41 6.86
N TRP A 180 -4.37 -3.42 7.32
CA TRP A 180 -4.12 -4.61 6.50
C TRP A 180 -5.24 -5.62 6.65
N VAL A 181 -5.82 -6.03 5.53
CA VAL A 181 -6.87 -7.05 5.53
C VAL A 181 -6.62 -8.10 4.47
N LYS A 182 -6.67 -9.37 4.88
CA LYS A 182 -6.49 -10.47 3.94
C LYS A 182 -7.81 -11.20 3.70
N ARG A 183 -7.97 -11.74 2.49
CA ARG A 183 -9.18 -12.46 2.13
C ARG A 183 -9.02 -13.96 2.39
N LYS A 95 -4.84 -19.52 -9.01
CA LYS A 95 -3.65 -19.06 -9.73
C LYS A 95 -2.39 -19.31 -8.91
N GLN A 96 -1.23 -19.03 -9.51
CA GLN A 96 0.04 -19.19 -8.83
C GLN A 96 0.59 -17.86 -8.34
N LYS A 97 -0.23 -16.81 -8.46
CA LYS A 97 0.17 -15.48 -8.04
C LYS A 97 -0.81 -14.90 -7.02
N ALA A 98 -0.40 -13.84 -6.35
CA ALA A 98 -1.23 -13.21 -5.33
C ALA A 98 -2.03 -12.05 -5.92
N LEU A 99 -3.17 -11.76 -5.31
CA LEU A 99 -3.96 -10.59 -5.70
C LEU A 99 -3.84 -9.48 -4.65
N VAL A 100 -3.36 -8.33 -5.09
CA VAL A 100 -3.15 -7.20 -4.19
C VAL A 100 -4.00 -6.00 -4.62
N ARG A 101 -4.64 -5.36 -3.65
CA ARG A 101 -5.39 -4.14 -3.91
C ARG A 101 -4.99 -3.02 -2.94
N VAL A 102 -4.94 -1.80 -3.45
CA VAL A 102 -4.64 -0.64 -2.61
C VAL A 102 -5.76 0.38 -2.69
N GLN A 103 -6.39 0.65 -1.54
CA GLN A 103 -7.54 1.54 -1.48
C GLN A 103 -7.23 2.78 -0.64
N ASN A 104 -7.08 3.91 -1.31
CA ASN A 104 -6.80 5.17 -0.62
C ASN A 104 -8.07 5.78 -0.04
N LEU A 105 -8.22 5.69 1.27
CA LEU A 105 -9.39 6.25 1.95
C LEU A 105 -9.04 7.53 2.70
N SER A 106 -7.84 8.06 2.44
CA SER A 106 -7.38 9.26 3.11
C SER A 106 -7.91 10.52 2.41
N GLY A 107 -7.54 11.67 2.94
CA GLY A 107 -7.92 12.94 2.34
C GLY A 107 -6.74 13.58 1.62
N SER A 108 -5.78 12.76 1.22
CA SER A 108 -4.60 13.24 0.52
C SER A 108 -4.05 12.18 -0.44
N LYS A 109 -2.97 12.51 -1.14
CA LYS A 109 -2.37 11.60 -2.11
C LYS A 109 -1.58 10.50 -1.41
N LEU A 110 -1.72 9.27 -1.91
CA LEU A 110 -0.95 8.14 -1.40
C LEU A 110 0.34 7.97 -2.18
N THR A 111 1.46 8.07 -1.49
CA THR A 111 2.77 7.80 -2.08
C THR A 111 3.52 6.73 -1.30
N LEU A 112 3.95 5.69 -2.00
CA LEU A 112 4.69 4.60 -1.38
C LEU A 112 6.00 4.35 -2.11
N LYS A 113 7.08 4.17 -1.34
CA LYS A 113 8.39 3.87 -1.90
C LYS A 113 8.94 2.57 -1.32
N THR A 114 9.78 1.89 -2.11
CA THR A 114 10.42 0.66 -1.66
C THR A 114 11.34 0.92 -0.48
N ALA A 115 11.28 0.05 0.52
CA ALA A 115 12.10 0.18 1.71
C ALA A 115 13.55 -0.22 1.43
N ASP A 116 13.79 -0.73 0.23
CA ASP A 116 15.13 -1.13 -0.18
C ASP A 116 15.87 0.04 -0.84
N GLY A 117 15.20 1.17 -0.95
CA GLY A 117 15.80 2.36 -1.55
C GLY A 117 14.83 3.54 -1.50
N LYS A 118 14.53 4.08 -2.67
CA LYS A 118 13.61 5.21 -2.78
C LYS A 118 12.79 5.13 -4.06
N THR A 119 12.85 3.99 -4.73
CA THR A 119 12.15 3.81 -5.99
C THR A 119 10.65 3.95 -5.81
N ASP A 120 10.02 4.76 -6.66
CA ASP A 120 8.59 4.99 -6.60
C ASP A 120 7.82 3.71 -6.90
N VAL A 121 6.87 3.39 -6.03
CA VAL A 121 5.96 2.27 -6.28
C VAL A 121 4.53 2.76 -6.46
N VAL A 122 4.06 3.58 -5.51
CA VAL A 122 2.75 4.22 -5.64
C VAL A 122 2.87 5.74 -5.51
N LYS A 123 2.18 6.45 -6.38
CA LYS A 123 2.12 7.91 -6.28
C LYS A 123 0.97 8.46 -7.12
N ASP A 124 0.58 9.70 -6.84
CA ASP A 124 -0.51 10.35 -7.56
C ASP A 124 -1.80 9.54 -7.47
N VAL A 125 -2.09 9.03 -6.28
CA VAL A 125 -3.34 8.31 -6.03
C VAL A 125 -4.25 9.09 -5.09
N GLY A 126 -5.39 9.50 -5.61
CA GLY A 126 -6.35 10.27 -4.82
C GLY A 126 -7.26 9.35 -4.00
N PRO A 127 -8.26 9.94 -3.35
CA PRO A 127 -9.18 9.19 -2.52
C PRO A 127 -10.12 8.35 -3.36
N GLN A 128 -10.65 7.28 -2.77
CA GLN A 128 -11.58 6.40 -3.46
C GLN A 128 -10.97 5.87 -4.76
N SER A 129 -9.76 5.32 -4.65
CA SER A 129 -9.05 4.82 -5.82
C SER A 129 -8.37 3.48 -5.53
N HIS A 130 -8.66 2.48 -6.36
CA HIS A 130 -8.14 1.14 -6.14
C HIS A 130 -8.22 0.30 -7.42
N GLY A 131 -7.64 -0.88 -7.38
CA GLY A 131 -7.70 -1.80 -8.52
C GLY A 131 -6.87 -3.06 -8.26
N ASP A 132 -7.00 -4.04 -9.13
CA ASP A 132 -6.29 -5.30 -8.98
C ASP A 132 -4.82 -5.15 -9.30
N ARG A 133 -3.98 -5.91 -8.60
CA ARG A 133 -2.56 -5.97 -8.90
C ARG A 133 -2.07 -7.40 -8.94
N GLU A 134 -1.51 -7.81 -10.09
CA GLU A 134 -0.96 -9.15 -10.25
C GLU A 134 0.49 -9.19 -9.78
N ILE A 135 0.71 -9.74 -8.60
CA ILE A 135 2.03 -9.72 -7.97
C ILE A 135 2.43 -11.10 -7.48
N ASN A 136 3.67 -11.50 -7.77
CA ASN A 136 4.18 -12.79 -7.33
C ASN A 136 4.36 -12.82 -5.82
N PRO A 137 4.27 -14.02 -5.24
CA PRO A 137 4.51 -14.20 -3.81
C PRO A 137 5.82 -13.56 -3.38
N VAL A 138 5.73 -12.58 -2.48
CA VAL A 138 6.90 -11.85 -2.04
C VAL A 138 6.58 -11.00 -0.81
N LYS A 139 7.58 -10.80 0.05
CA LYS A 139 7.45 -9.90 1.18
C LYS A 139 7.45 -8.44 0.73
N VAL A 140 6.33 -7.76 0.95
CA VAL A 140 6.18 -6.38 0.51
C VAL A 140 6.40 -5.41 1.67
N ASN A 141 7.39 -4.54 1.52
CA ASN A 141 7.70 -3.55 2.55
C ASN A 141 7.92 -2.17 1.95
N LEU A 142 6.90 -1.33 2.06
CA LEU A 142 6.96 0.01 1.49
C LEU A 142 6.92 1.07 2.57
N ALA A 143 7.51 2.23 2.28
CA ALA A 143 7.45 3.36 3.19
C ALA A 143 6.25 4.25 2.90
N LEU A 144 5.65 4.79 3.95
CA LEU A 144 4.38 5.49 3.84
C LEU A 144 4.58 7.00 3.76
N PHE A 145 4.19 7.59 2.64
CA PHE A 145 4.27 9.03 2.45
C PHE A 145 2.90 9.65 2.28
N ASP A 146 2.69 10.79 2.93
CA ASP A 146 1.53 11.65 2.63
C ASP A 146 1.88 12.69 1.57
N GLY A 147 1.53 12.40 0.33
CA GLY A 147 1.96 13.21 -0.80
C GLY A 147 3.46 13.07 -1.04
N SER A 148 4.25 13.85 -0.29
CA SER A 148 5.71 13.77 -0.37
C SER A 148 6.34 13.75 1.00
N LYS A 149 5.51 13.83 2.04
CA LYS A 149 5.99 13.86 3.41
C LYS A 149 5.81 12.52 4.10
N LYS A 150 6.91 11.91 4.49
CA LYS A 150 6.87 10.58 5.10
C LYS A 150 6.08 10.59 6.40
N VAL A 151 5.14 9.67 6.52
CA VAL A 151 4.38 9.49 7.75
C VAL A 151 4.98 8.37 8.60
N SER A 152 5.17 7.22 7.99
CA SER A 152 5.72 6.06 8.68
C SER A 152 6.20 5.00 7.71
N ASP A 153 6.29 3.76 8.19
CA ASP A 153 6.58 2.63 7.31
C ASP A 153 5.51 1.55 7.44
N LEU A 154 5.20 0.90 6.31
CA LEU A 154 4.16 -0.13 6.29
C LEU A 154 4.72 -1.48 6.75
N LYS A 155 3.88 -2.24 7.46
CA LYS A 155 4.27 -3.55 7.95
C LYS A 155 4.53 -4.52 6.80
N PRO A 156 5.68 -5.19 6.83
CA PRO A 156 6.01 -6.20 5.85
C PRO A 156 4.93 -7.27 5.78
N VAL A 157 4.39 -7.48 4.58
CA VAL A 157 3.41 -8.54 4.35
C VAL A 157 3.87 -9.49 3.25
N THR A 158 3.91 -10.77 3.58
CA THR A 158 4.31 -11.80 2.61
C THR A 158 3.12 -12.26 1.78
N LEU A 159 3.24 -12.13 0.47
CA LEU A 159 2.19 -12.55 -0.45
C LEU A 159 2.31 -14.02 -0.79
N ALA A 160 1.20 -14.63 -1.17
CA ALA A 160 1.19 -16.05 -1.53
C ALA A 160 0.12 -16.35 -2.57
N ARG A 161 0.33 -17.40 -3.36
CA ARG A 161 -0.56 -17.74 -4.46
C ARG A 161 -1.98 -17.97 -3.95
N GLY A 162 -2.94 -17.29 -4.57
CA GLY A 162 -4.35 -17.54 -4.29
C GLY A 162 -4.86 -16.60 -3.20
N GLU A 163 -3.93 -15.96 -2.50
CA GLU A 163 -4.29 -15.10 -1.37
C GLU A 163 -4.59 -13.68 -1.83
N VAL A 164 -5.48 -13.02 -1.11
CA VAL A 164 -5.84 -11.64 -1.41
C VAL A 164 -5.44 -10.70 -0.28
N VAL A 165 -4.59 -9.72 -0.60
CA VAL A 165 -4.13 -8.76 0.40
C VAL A 165 -4.49 -7.33 -0.02
N CYS A 166 -5.22 -6.64 0.85
CA CYS A 166 -5.68 -5.29 0.55
C CYS A 166 -5.08 -4.28 1.53
N LEU A 167 -4.78 -3.09 1.02
CA LEU A 167 -4.29 -2.01 1.86
C LEU A 167 -5.29 -0.85 1.92
N TYR A 168 -5.81 -0.58 3.11
CA TYR A 168 -6.80 0.48 3.29
C TYR A 168 -6.19 1.68 3.99
N VAL A 169 -5.82 2.70 3.21
CA VAL A 169 -5.11 3.86 3.73
C VAL A 169 -6.09 4.87 4.34
N THR A 170 -5.97 5.09 5.64
CA THR A 170 -6.83 6.04 6.34
C THR A 170 -6.05 7.26 6.79
N GLY A 171 -6.76 8.24 7.33
CA GLY A 171 -6.12 9.47 7.80
C GLY A 171 -6.89 10.07 8.97
N SER A 172 -6.16 10.67 9.91
CA SER A 172 -6.77 11.34 11.05
C SER A 172 -5.81 12.31 11.70
N GLY A 173 -6.20 13.58 11.74
CA GLY A 173 -5.38 14.63 12.35
C GLY A 173 -4.20 14.99 11.46
N GLY A 174 -4.25 14.57 10.21
CA GLY A 174 -3.17 14.82 9.26
C GLY A 174 -2.22 13.64 9.18
N LYS A 175 -2.43 12.65 10.04
CA LYS A 175 -1.59 11.47 10.08
C LYS A 175 -2.27 10.28 9.42
N LEU A 176 -1.53 9.55 8.58
CA LEU A 176 -2.05 8.38 7.90
C LEU A 176 -1.98 7.15 8.78
N ALA A 177 -2.90 6.22 8.57
CA ALA A 177 -2.91 4.96 9.31
C ALA A 177 -3.51 3.84 8.47
N PRO A 178 -2.76 3.37 7.49
CA PRO A 178 -3.21 2.30 6.62
C PRO A 178 -3.43 1.00 7.39
N VAL A 179 -4.40 0.21 6.96
CA VAL A 179 -4.66 -1.09 7.56
C VAL A 179 -4.48 -2.21 6.57
N TRP A 180 -3.67 -3.21 6.93
CA TRP A 180 -3.49 -4.40 6.11
C TRP A 180 -4.60 -5.42 6.37
N VAL A 181 -5.24 -5.89 5.30
CA VAL A 181 -6.28 -6.89 5.40
C VAL A 181 -5.98 -8.09 4.51
N LYS A 182 -5.92 -9.27 5.12
CA LYS A 182 -5.68 -10.50 4.36
C LYS A 182 -6.95 -11.33 4.26
N ARG A 183 -7.30 -11.71 3.04
CA ARG A 183 -8.49 -12.52 2.81
C ARG A 183 -8.13 -13.85 2.15
N LYS A 95 -4.45 -17.42 -7.89
CA LYS A 95 -3.40 -17.07 -8.85
C LYS A 95 -2.12 -17.85 -8.54
N GLN A 96 -1.08 -17.58 -9.32
CA GLN A 96 0.22 -18.21 -9.10
C GLN A 96 1.13 -17.31 -8.28
N LYS A 97 0.87 -16.00 -8.33
CA LYS A 97 1.62 -15.03 -7.54
C LYS A 97 0.69 -14.19 -6.68
N ALA A 98 1.28 -13.47 -5.72
CA ALA A 98 0.50 -12.60 -4.85
C ALA A 98 0.04 -11.35 -5.57
N LEU A 99 -1.12 -10.83 -5.19
CA LEU A 99 -1.62 -9.58 -5.72
C LEU A 99 -1.71 -8.51 -4.65
N VAL A 100 -1.53 -7.25 -5.05
CA VAL A 100 -1.62 -6.13 -4.13
C VAL A 100 -2.63 -5.09 -4.61
N ARG A 101 -3.55 -4.71 -3.72
CA ARG A 101 -4.55 -3.70 -4.04
C ARG A 101 -4.41 -2.49 -3.13
N VAL A 102 -4.92 -1.36 -3.59
CA VAL A 102 -4.95 -0.14 -2.78
C VAL A 102 -6.34 0.49 -2.78
N GLN A 103 -6.74 1.04 -1.64
CA GLN A 103 -8.04 1.68 -1.52
C GLN A 103 -7.98 2.83 -0.51
N ASN A 104 -8.07 4.05 -1.01
CA ASN A 104 -7.94 5.23 -0.16
C ASN A 104 -9.27 5.63 0.46
N LEU A 105 -9.39 5.41 1.76
CA LEU A 105 -10.61 5.75 2.48
C LEU A 105 -10.55 7.17 3.03
N SER A 106 -9.41 7.82 2.85
CA SER A 106 -9.23 9.19 3.34
C SER A 106 -9.34 10.20 2.20
N GLY A 107 -9.15 11.47 2.53
CA GLY A 107 -9.16 12.53 1.53
C GLY A 107 -7.76 13.00 1.21
N SER A 108 -6.76 12.28 1.72
CA SER A 108 -5.37 12.67 1.56
C SER A 108 -4.76 12.05 0.32
N LYS A 109 -3.67 12.64 -0.16
CA LYS A 109 -2.94 12.10 -1.31
C LYS A 109 -1.62 11.47 -0.87
N LEU A 110 -1.46 10.18 -1.13
CA LEU A 110 -0.28 9.45 -0.71
C LEU A 110 0.29 8.62 -1.84
N THR A 111 1.60 8.41 -1.83
CA THR A 111 2.26 7.54 -2.78
C THR A 111 2.69 6.22 -2.13
N LEU A 112 2.31 5.11 -2.76
CA LEU A 112 2.64 3.79 -2.23
C LEU A 112 3.91 3.23 -2.86
N LYS A 113 4.90 2.95 -2.02
CA LYS A 113 6.17 2.41 -2.50
C LYS A 113 6.76 1.41 -1.52
N THR A 114 7.42 0.40 -2.04
CA THR A 114 8.03 -0.63 -1.21
C THR A 114 9.22 -0.07 -0.42
N ALA A 115 9.47 -0.65 0.76
CA ALA A 115 10.55 -0.19 1.62
C ALA A 115 11.90 -0.33 0.93
N ASP A 116 12.60 0.79 0.80
CA ASP A 116 13.90 0.81 0.14
C ASP A 116 13.81 0.25 -1.28
N GLY A 117 12.70 0.54 -1.94
CA GLY A 117 12.51 0.12 -3.33
C GLY A 117 13.09 1.15 -4.30
N LYS A 118 12.98 0.87 -5.59
CA LYS A 118 13.51 1.76 -6.62
C LYS A 118 12.38 2.38 -7.44
N THR A 119 11.23 1.71 -7.47
CA THR A 119 10.11 2.15 -8.29
C THR A 119 8.83 2.24 -7.47
N ASP A 120 8.07 3.30 -7.66
CA ASP A 120 6.80 3.49 -6.97
C ASP A 120 5.80 2.42 -7.37
N VAL A 121 4.96 2.02 -6.42
CA VAL A 121 3.92 1.02 -6.69
C VAL A 121 2.65 1.68 -7.20
N VAL A 122 2.10 2.60 -6.42
CA VAL A 122 1.01 3.46 -6.89
C VAL A 122 1.31 4.92 -6.60
N LYS A 123 1.27 5.74 -7.66
CA LYS A 123 1.61 7.16 -7.53
C LYS A 123 0.36 8.00 -7.31
N ASP A 124 0.47 8.97 -6.41
CA ASP A 124 -0.59 9.96 -6.23
C ASP A 124 -1.93 9.30 -5.97
N VAL A 125 -2.03 8.55 -4.87
CA VAL A 125 -3.28 7.92 -4.49
C VAL A 125 -4.27 8.93 -3.93
N GLY A 126 -5.29 9.25 -4.72
CA GLY A 126 -6.27 10.27 -4.34
C GLY A 126 -7.43 9.65 -3.58
N PRO A 127 -8.38 10.49 -3.18
CA PRO A 127 -9.55 10.02 -2.44
C PRO A 127 -10.31 8.96 -3.23
N GLN A 128 -10.57 7.83 -2.58
CA GLN A 128 -11.37 6.77 -3.19
C GLN A 128 -10.65 6.15 -4.38
N SER A 129 -9.34 6.36 -4.45
CA SER A 129 -8.52 5.77 -5.50
C SER A 129 -8.34 4.27 -5.28
N HIS A 130 -8.27 3.51 -6.39
CA HIS A 130 -8.07 2.06 -6.31
C HIS A 130 -7.33 1.56 -7.52
N GLY A 131 -6.48 0.56 -7.29
CA GLY A 131 -5.67 -0.03 -8.35
C GLY A 131 -5.18 -1.42 -7.97
N ASP A 132 -4.87 -2.22 -8.97
CA ASP A 132 -4.38 -3.57 -8.74
C ASP A 132 -2.92 -3.72 -9.16
N ARG A 133 -2.19 -4.58 -8.46
CA ARG A 133 -0.79 -4.83 -8.78
C ARG A 133 -0.45 -6.31 -8.66
N GLU A 134 0.47 -6.78 -9.49
CA GLU A 134 0.97 -8.14 -9.38
C GLU A 134 2.42 -8.16 -8.89
N ILE A 135 2.71 -9.04 -7.94
CA ILE A 135 4.02 -9.09 -7.31
C ILE A 135 4.39 -10.51 -6.92
N ASN A 136 5.69 -10.81 -6.93
CA ASN A 136 6.19 -12.10 -6.46
C ASN A 136 5.63 -12.43 -5.09
N PRO A 137 5.34 -13.71 -4.87
CA PRO A 137 4.68 -14.15 -3.65
C PRO A 137 5.66 -14.23 -2.48
N VAL A 138 6.20 -13.09 -2.09
CA VAL A 138 7.09 -13.01 -0.94
C VAL A 138 6.70 -11.86 -0.01
N LYS A 139 7.17 -11.92 1.23
CA LYS A 139 6.87 -10.90 2.22
C LYS A 139 7.51 -9.57 1.83
N VAL A 140 6.67 -8.62 1.41
CA VAL A 140 7.14 -7.29 1.07
C VAL A 140 6.49 -6.22 1.91
N ASN A 141 7.30 -5.39 2.57
CA ASN A 141 6.78 -4.29 3.37
C ASN A 141 6.86 -2.97 2.60
N LEU A 142 5.85 -2.14 2.78
CA LEU A 142 5.73 -0.89 2.03
C LEU A 142 5.61 0.31 2.96
N ALA A 143 5.66 1.50 2.39
CA ALA A 143 5.58 2.73 3.16
C ALA A 143 4.91 3.85 2.39
N LEU A 144 4.53 4.91 3.08
CA LEU A 144 3.90 6.07 2.45
C LEU A 144 4.93 7.14 2.11
N PHE A 145 4.84 7.68 0.91
CA PHE A 145 5.76 8.72 0.47
C PHE A 145 5.02 9.94 -0.08
N ASP A 146 5.68 11.09 -0.05
CA ASP A 146 5.11 12.30 -0.64
C ASP A 146 6.20 13.16 -1.28
N GLY A 147 6.38 13.00 -2.58
CA GLY A 147 7.38 13.76 -3.31
C GLY A 147 8.78 13.17 -3.13
N SER A 148 9.60 13.85 -2.34
CA SER A 148 10.94 13.37 -2.05
C SER A 148 11.11 13.03 -0.58
N LYS A 149 10.01 13.07 0.16
CA LYS A 149 10.03 12.80 1.59
C LYS A 149 9.06 11.69 1.97
N LYS A 150 9.54 10.72 2.73
CA LYS A 150 8.70 9.64 3.22
C LYS A 150 7.74 10.13 4.30
N VAL A 151 6.48 9.73 4.20
CA VAL A 151 5.46 10.14 5.15
C VAL A 151 5.49 9.27 6.40
N SER A 152 5.37 7.96 6.20
CA SER A 152 5.30 7.02 7.32
C SER A 152 5.30 5.58 6.83
N ASP A 153 5.98 4.72 7.57
CA ASP A 153 6.03 3.30 7.25
C ASP A 153 4.67 2.64 7.48
N LEU A 154 4.35 1.65 6.66
CA LEU A 154 3.12 0.89 6.82
C LEU A 154 3.36 -0.38 7.62
N LYS A 155 2.29 -0.92 8.19
CA LYS A 155 2.37 -2.18 8.95
C LYS A 155 2.91 -3.30 8.09
N PRO A 156 3.91 -4.01 8.61
CA PRO A 156 4.49 -5.15 7.90
C PRO A 156 3.41 -6.14 7.49
N VAL A 157 3.56 -6.70 6.29
CA VAL A 157 2.53 -7.59 5.73
C VAL A 157 3.17 -8.72 4.92
N THR A 158 2.68 -9.92 5.11
CA THR A 158 3.14 -11.08 4.35
C THR A 158 2.24 -11.35 3.16
N LEU A 159 2.86 -11.53 1.99
CA LEU A 159 2.09 -11.73 0.76
C LEU A 159 2.05 -13.20 0.38
N ALA A 160 0.96 -13.87 0.77
CA ALA A 160 0.81 -15.30 0.52
C ALA A 160 0.61 -15.59 -0.97
N ARG A 161 1.19 -16.68 -1.43
CA ARG A 161 1.15 -17.02 -2.85
C ARG A 161 -0.26 -17.35 -3.29
N GLY A 162 -0.72 -16.67 -4.34
CA GLY A 162 -2.00 -16.98 -4.95
C GLY A 162 -3.12 -16.14 -4.36
N GLU A 163 -2.82 -15.44 -3.26
CA GLU A 163 -3.80 -14.62 -2.58
C GLU A 163 -3.61 -13.14 -2.88
N VAL A 164 -4.47 -12.31 -2.32
CA VAL A 164 -4.42 -10.86 -2.58
C VAL A 164 -4.57 -10.08 -1.29
N VAL A 165 -3.80 -9.00 -1.17
CA VAL A 165 -3.95 -8.06 -0.06
C VAL A 165 -4.44 -6.71 -0.55
N CYS A 166 -5.06 -5.95 0.36
CA CYS A 166 -5.57 -4.63 0.03
C CYS A 166 -5.21 -3.62 1.10
N LEU A 167 -4.64 -2.49 0.68
CA LEU A 167 -4.31 -1.41 1.60
C LEU A 167 -5.47 -0.44 1.75
N TYR A 168 -6.02 -0.37 2.96
CA TYR A 168 -7.09 0.58 3.26
C TYR A 168 -6.56 1.80 4.02
N VAL A 169 -6.42 2.91 3.31
CA VAL A 169 -5.81 4.10 3.88
C VAL A 169 -6.77 4.85 4.78
N THR A 170 -6.48 4.90 6.07
CA THR A 170 -7.31 5.59 7.04
C THR A 170 -6.47 6.27 8.11
N GLY A 171 -7.10 6.59 9.24
CA GLY A 171 -6.41 7.23 10.34
C GLY A 171 -7.40 7.76 11.37
N SER A 172 -6.90 8.52 12.34
CA SER A 172 -7.73 9.09 13.39
C SER A 172 -7.02 10.24 14.09
N GLY A 173 -7.70 11.37 14.22
CA GLY A 173 -7.17 12.52 14.92
C GLY A 173 -6.11 13.24 14.09
N GLY A 174 -6.07 12.93 12.80
CA GLY A 174 -5.09 13.52 11.91
C GLY A 174 -3.92 12.55 11.67
N LYS A 175 -3.84 11.52 12.50
CA LYS A 175 -2.77 10.53 12.38
C LYS A 175 -3.16 9.41 11.42
N LEU A 176 -2.34 9.19 10.40
CA LEU A 176 -2.59 8.15 9.42
C LEU A 176 -2.30 6.77 10.00
N ALA A 177 -3.17 5.81 9.69
CA ALA A 177 -2.94 4.42 10.07
C ALA A 177 -3.64 3.48 9.11
N PRO A 178 -3.13 3.40 7.88
CA PRO A 178 -3.66 2.46 6.90
C PRO A 178 -3.59 1.02 7.39
N VAL A 179 -4.55 0.21 6.97
CA VAL A 179 -4.61 -1.18 7.41
C VAL A 179 -4.49 -2.14 6.23
N TRP A 180 -3.59 -3.11 6.34
CA TRP A 180 -3.49 -4.18 5.35
C TRP A 180 -4.50 -5.29 5.65
N VAL A 181 -5.27 -5.66 4.62
CA VAL A 181 -6.21 -6.77 4.74
C VAL A 181 -5.91 -7.85 3.70
N LYS A 182 -5.71 -9.07 4.17
CA LYS A 182 -5.43 -10.19 3.28
C LYS A 182 -6.71 -10.99 2.98
N ARG A 183 -6.97 -11.21 1.70
CA ARG A 183 -8.16 -11.92 1.26
C ARG A 183 -7.79 -13.21 0.52
N LYS A 95 -1.46 -20.35 -10.29
CA LYS A 95 -1.49 -19.47 -9.11
C LYS A 95 -0.13 -19.42 -8.42
N GLN A 96 0.92 -19.23 -9.21
CA GLN A 96 2.27 -19.09 -8.65
C GLN A 96 2.55 -17.65 -8.26
N LYS A 97 1.63 -16.75 -8.58
CA LYS A 97 1.80 -15.33 -8.30
C LYS A 97 0.82 -14.88 -7.22
N ALA A 98 0.89 -13.59 -6.90
CA ALA A 98 -0.06 -12.99 -5.97
C ALA A 98 -0.42 -11.56 -6.38
N LEU A 99 -1.39 -10.97 -5.68
CA LEU A 99 -1.78 -9.59 -5.94
C LEU A 99 -1.77 -8.77 -4.65
N VAL A 100 -1.34 -7.52 -4.76
CA VAL A 100 -1.37 -6.60 -3.63
C VAL A 100 -2.14 -5.33 -3.98
N ARG A 101 -3.03 -4.91 -3.08
CA ARG A 101 -3.86 -3.74 -3.31
C ARG A 101 -3.92 -2.85 -2.09
N VAL A 102 -4.02 -1.54 -2.32
CA VAL A 102 -4.15 -0.58 -1.23
C VAL A 102 -5.37 0.31 -1.42
N GLN A 103 -6.22 0.37 -0.40
CA GLN A 103 -7.43 1.18 -0.46
C GLN A 103 -7.20 2.56 0.15
N ASN A 104 -7.56 3.60 -0.59
CA ASN A 104 -7.52 4.96 -0.07
C ASN A 104 -8.82 5.32 0.63
N LEU A 105 -8.76 5.46 1.95
CA LEU A 105 -9.92 5.86 2.73
C LEU A 105 -9.84 7.34 3.12
N SER A 106 -8.86 8.03 2.56
CA SER A 106 -8.69 9.46 2.82
C SER A 106 -9.23 10.30 1.67
N GLY A 107 -9.53 11.56 1.96
CA GLY A 107 -9.91 12.51 0.92
C GLY A 107 -8.68 13.05 0.19
N SER A 108 -7.50 12.75 0.72
CA SER A 108 -6.25 13.08 0.05
C SER A 108 -5.78 11.93 -0.84
N LYS A 109 -4.77 12.19 -1.64
CA LYS A 109 -4.19 11.17 -2.51
C LYS A 109 -3.07 10.42 -1.80
N LEU A 110 -2.81 9.19 -2.26
CA LEU A 110 -1.74 8.38 -1.69
C LEU A 110 -0.59 8.23 -2.67
N THR A 111 0.61 8.02 -2.15
CA THR A 111 1.78 7.80 -2.99
C THR A 111 2.50 6.50 -2.60
N LEU A 112 1.95 5.38 -3.05
CA LEU A 112 2.40 4.08 -2.57
C LEU A 112 3.78 3.74 -3.12
N LYS A 113 4.73 3.52 -2.21
CA LYS A 113 6.11 3.23 -2.60
C LYS A 113 6.73 2.20 -1.67
N THR A 114 7.71 1.47 -2.20
CA THR A 114 8.48 0.53 -1.38
C THR A 114 9.15 1.24 -0.20
N ALA A 115 8.88 0.74 1.00
CA ALA A 115 9.41 1.35 2.21
C ALA A 115 10.93 1.40 2.20
N ASP A 116 11.48 2.61 2.24
CA ASP A 116 12.92 2.80 2.21
C ASP A 116 13.54 2.16 0.98
N GLY A 117 12.77 2.12 -0.10
CA GLY A 117 13.26 1.58 -1.36
C GLY A 117 13.36 2.66 -2.43
N LYS A 118 13.62 2.26 -3.66
CA LYS A 118 13.69 3.20 -4.77
C LYS A 118 12.58 2.93 -5.80
N THR A 119 11.82 1.86 -5.56
CA THR A 119 10.80 1.44 -6.51
C THR A 119 9.42 1.93 -6.09
N ASP A 120 8.82 2.77 -6.93
CA ASP A 120 7.44 3.19 -6.73
C ASP A 120 6.46 2.09 -7.09
N VAL A 121 5.35 2.03 -6.37
CA VAL A 121 4.38 0.96 -6.54
C VAL A 121 3.11 1.46 -7.22
N VAL A 122 2.39 2.35 -6.53
CA VAL A 122 1.25 3.04 -7.12
C VAL A 122 1.20 4.49 -6.68
N LYS A 123 1.27 5.41 -7.63
CA LYS A 123 1.24 6.84 -7.34
C LYS A 123 -0.03 7.49 -7.87
N ASP A 124 -0.35 8.65 -7.33
CA ASP A 124 -1.53 9.40 -7.75
C ASP A 124 -2.80 8.60 -7.50
N VAL A 125 -2.93 8.06 -6.30
CA VAL A 125 -4.15 7.36 -5.89
C VAL A 125 -5.24 8.34 -5.51
N GLY A 126 -6.31 8.35 -6.29
CA GLY A 126 -7.36 9.35 -6.15
C GLY A 126 -8.10 9.22 -4.82
N PRO A 127 -8.70 10.31 -4.36
CA PRO A 127 -9.48 10.29 -3.13
C PRO A 127 -10.57 9.22 -3.18
N GLN A 128 -10.67 8.44 -2.11
CA GLN A 128 -11.66 7.38 -2.03
C GLN A 128 -11.52 6.40 -3.18
N SER A 129 -10.30 6.19 -3.63
CA SER A 129 -10.01 5.20 -4.66
C SER A 129 -9.07 4.12 -4.15
N HIS A 130 -8.45 3.40 -5.08
CA HIS A 130 -7.51 2.35 -4.73
C HIS A 130 -6.59 2.00 -5.90
N GLY A 131 -5.57 1.20 -5.63
CA GLY A 131 -4.66 0.74 -6.67
C GLY A 131 -3.97 -0.54 -6.27
N ASP A 132 -3.45 -1.28 -7.26
CA ASP A 132 -2.86 -2.58 -7.01
C ASP A 132 -1.75 -2.87 -8.01
N ARG A 133 -1.07 -4.00 -7.83
CA ARG A 133 0.05 -4.38 -8.70
C ARG A 133 0.26 -5.88 -8.69
N GLU A 134 0.58 -6.44 -9.85
CA GLU A 134 0.99 -7.82 -9.96
C GLU A 134 2.38 -8.03 -9.39
N ILE A 135 2.51 -9.02 -8.48
CA ILE A 135 3.74 -9.21 -7.73
C ILE A 135 3.84 -10.63 -7.19
N ASN A 136 5.06 -11.09 -6.97
CA ASN A 136 5.29 -12.42 -6.39
C ASN A 136 4.72 -12.49 -4.98
N PRO A 137 4.39 -13.70 -4.55
CA PRO A 137 3.82 -13.91 -3.22
C PRO A 137 4.89 -13.82 -2.14
N VAL A 138 5.37 -12.60 -1.90
CA VAL A 138 6.43 -12.37 -0.93
C VAL A 138 6.02 -11.31 0.09
N LYS A 139 6.92 -11.04 1.03
CA LYS A 139 6.71 -9.95 1.99
C LYS A 139 6.96 -8.60 1.35
N VAL A 140 5.94 -7.75 1.37
CA VAL A 140 6.03 -6.44 0.71
C VAL A 140 5.95 -5.31 1.73
N ASN A 141 7.00 -4.49 1.76
CA ASN A 141 7.03 -3.33 2.65
C ASN A 141 6.59 -2.06 1.94
N LEU A 142 5.51 -1.47 2.43
CA LEU A 142 4.90 -0.31 1.76
C LEU A 142 5.04 0.95 2.61
N ALA A 143 5.03 2.10 1.95
CA ALA A 143 5.14 3.37 2.64
C ALA A 143 4.59 4.52 1.78
N LEU A 144 4.30 5.64 2.42
CA LEU A 144 3.90 6.85 1.70
C LEU A 144 4.97 7.93 1.80
N PHE A 145 5.07 8.76 0.76
CA PHE A 145 6.13 9.75 0.68
C PHE A 145 5.63 11.04 0.05
N ASP A 146 6.35 12.12 0.29
CA ASP A 146 6.04 13.40 -0.36
C ASP A 146 7.29 14.03 -0.96
N GLY A 147 7.54 13.73 -2.24
CA GLY A 147 8.72 14.23 -2.92
C GLY A 147 9.96 13.40 -2.56
N SER A 148 10.84 13.99 -1.75
CA SER A 148 12.02 13.29 -1.27
C SER A 148 11.88 12.90 0.19
N LYS A 149 10.84 13.40 0.83
CA LYS A 149 10.63 13.18 2.26
C LYS A 149 9.53 12.15 2.50
N LYS A 150 9.90 11.03 3.13
CA LYS A 150 8.95 9.99 3.47
C LYS A 150 7.95 10.47 4.52
N VAL A 151 6.68 10.16 4.32
CA VAL A 151 5.63 10.58 5.22
C VAL A 151 5.47 9.62 6.39
N SER A 152 5.23 8.34 6.06
CA SER A 152 4.98 7.33 7.07
C SER A 152 4.95 5.93 6.45
N ASP A 153 5.45 4.95 7.19
CA ASP A 153 5.42 3.56 6.74
C ASP A 153 4.01 2.99 6.83
N LEU A 154 3.71 2.05 5.96
CA LEU A 154 2.43 1.35 6.00
C LEU A 154 2.60 -0.08 6.52
N LYS A 155 1.50 -0.65 7.00
CA LYS A 155 1.52 -2.01 7.53
C LYS A 155 2.08 -3.00 6.52
N PRO A 156 3.21 -3.60 6.84
CA PRO A 156 3.83 -4.60 5.97
C PRO A 156 2.86 -5.74 5.67
N VAL A 157 2.90 -6.23 4.44
CA VAL A 157 1.99 -7.28 3.99
C VAL A 157 2.76 -8.50 3.52
N THR A 158 2.41 -9.66 4.07
CA THR A 158 2.91 -10.94 3.56
C THR A 158 1.92 -11.56 2.58
N LEU A 159 2.35 -11.71 1.33
CA LEU A 159 1.46 -12.21 0.28
C LEU A 159 1.55 -13.72 0.16
N ALA A 160 0.52 -14.33 -0.41
CA ALA A 160 0.47 -15.77 -0.58
C ALA A 160 -0.04 -16.15 -1.97
N ARG A 161 0.32 -17.35 -2.41
CA ARG A 161 0.00 -17.79 -3.77
C ARG A 161 -1.50 -17.86 -3.99
N GLY A 162 -1.98 -17.16 -5.01
CA GLY A 162 -3.38 -17.26 -5.42
C GLY A 162 -4.27 -16.43 -4.50
N GLU A 163 -3.66 -15.58 -3.69
CA GLU A 163 -4.40 -14.73 -2.76
C GLU A 163 -4.14 -13.25 -3.02
N VAL A 164 -5.05 -12.40 -2.58
CA VAL A 164 -4.92 -10.95 -2.76
C VAL A 164 -5.17 -10.22 -1.46
N VAL A 165 -4.37 -9.18 -1.20
CA VAL A 165 -4.51 -8.39 0.01
C VAL A 165 -4.96 -6.97 -0.32
N CYS A 166 -5.91 -6.48 0.47
CA CYS A 166 -6.32 -5.07 0.38
C CYS A 166 -5.97 -4.31 1.66
N LEU A 167 -5.01 -3.41 1.55
CA LEU A 167 -4.57 -2.62 2.71
C LEU A 167 -5.36 -1.33 2.83
N TYR A 168 -6.19 -1.25 3.86
CA TYR A 168 -7.07 -0.10 4.04
C TYR A 168 -6.37 1.01 4.81
N VAL A 169 -5.83 1.98 4.08
CA VAL A 169 -5.02 3.04 4.69
C VAL A 169 -5.90 4.19 5.16
N THR A 170 -5.83 4.49 6.45
CA THR A 170 -6.59 5.59 7.03
C THR A 170 -5.89 6.15 8.27
N GLY A 171 -6.59 7.01 9.00
CA GLY A 171 -6.05 7.61 10.20
C GLY A 171 -6.55 9.04 10.37
N SER A 172 -5.86 9.81 11.22
CA SER A 172 -6.25 11.18 11.51
C SER A 172 -5.19 11.90 12.34
N GLY A 173 -5.00 13.18 12.07
CA GLY A 173 -4.10 14.01 12.85
C GLY A 173 -2.64 13.72 12.50
N GLY A 174 -2.43 13.07 11.36
CA GLY A 174 -1.09 12.72 10.92
C GLY A 174 -0.73 11.31 11.33
N LYS A 175 -1.60 10.68 12.13
CA LYS A 175 -1.38 9.32 12.57
C LYS A 175 -2.16 8.32 11.73
N LEU A 176 -1.43 7.46 11.03
CA LEU A 176 -2.05 6.49 10.13
C LEU A 176 -2.16 5.12 10.79
N ALA A 177 -3.13 4.33 10.34
CA ALA A 177 -3.29 2.97 10.83
C ALA A 177 -3.90 2.07 9.77
N PRO A 178 -3.10 1.71 8.77
CA PRO A 178 -3.55 0.82 7.70
C PRO A 178 -4.05 -0.51 8.26
N VAL A 179 -5.14 -1.01 7.70
CA VAL A 179 -5.72 -2.27 8.14
C VAL A 179 -5.42 -3.39 7.14
N TRP A 180 -4.64 -4.37 7.57
CA TRP A 180 -4.25 -5.47 6.71
C TRP A 180 -5.38 -6.49 6.57
N VAL A 181 -6.14 -6.37 5.49
CA VAL A 181 -7.18 -7.34 5.18
C VAL A 181 -6.79 -8.23 4.02
N LYS A 182 -6.64 -9.53 4.31
CA LYS A 182 -6.28 -10.50 3.28
C LYS A 182 -7.51 -11.30 2.85
N ARG A 183 -7.68 -11.43 1.53
CA ARG A 183 -8.80 -12.18 0.98
C ARG A 183 -8.32 -13.29 0.05
N LYS A 95 6.13 -19.59 -10.23
CA LYS A 95 5.31 -20.59 -9.54
C LYS A 95 4.22 -19.92 -8.72
N GLN A 96 4.62 -19.29 -7.62
CA GLN A 96 3.67 -18.59 -6.75
C GLN A 96 3.74 -17.08 -6.95
N LYS A 97 2.61 -16.42 -6.74
CA LYS A 97 2.57 -14.96 -6.77
C LYS A 97 1.29 -14.43 -6.14
N ALA A 98 1.27 -13.13 -5.86
CA ALA A 98 0.16 -12.52 -5.14
C ALA A 98 -0.15 -11.13 -5.69
N LEU A 99 -1.30 -10.59 -5.29
CA LEU A 99 -1.69 -9.24 -5.69
C LEU A 99 -1.89 -8.34 -4.49
N VAL A 100 -1.73 -7.04 -4.70
CA VAL A 100 -1.94 -6.06 -3.63
C VAL A 100 -2.62 -4.80 -4.16
N ARG A 101 -3.58 -4.30 -3.41
CA ARG A 101 -4.21 -3.01 -3.72
C ARG A 101 -4.15 -2.06 -2.53
N VAL A 102 -4.07 -0.77 -2.81
CA VAL A 102 -4.09 0.24 -1.77
C VAL A 102 -5.13 1.31 -2.05
N GLN A 103 -6.09 1.46 -1.13
CA GLN A 103 -7.21 2.36 -1.34
C GLN A 103 -7.12 3.57 -0.41
N ASN A 104 -7.45 4.74 -0.94
CA ASN A 104 -7.45 5.96 -0.15
C ASN A 104 -8.80 6.19 0.51
N LEU A 105 -8.85 6.04 1.82
CA LEU A 105 -10.08 6.26 2.58
C LEU A 105 -10.01 7.57 3.37
N SER A 106 -9.35 8.57 2.79
CA SER A 106 -9.26 9.88 3.40
C SER A 106 -9.58 10.98 2.40
N GLY A 107 -9.67 12.22 2.89
CA GLY A 107 -9.86 13.37 2.02
C GLY A 107 -8.54 13.91 1.52
N SER A 108 -7.44 13.45 2.11
CA SER A 108 -6.12 13.87 1.70
C SER A 108 -5.58 12.98 0.58
N LYS A 109 -4.49 13.42 -0.05
CA LYS A 109 -3.86 12.66 -1.11
C LYS A 109 -3.00 11.53 -0.55
N LEU A 110 -3.11 10.35 -1.15
CA LEU A 110 -2.41 9.18 -0.66
C LEU A 110 -1.26 8.79 -1.57
N THR A 111 -0.08 8.56 -0.98
CA THR A 111 1.05 8.04 -1.72
C THR A 111 1.73 6.90 -0.98
N LEU A 112 1.92 5.77 -1.66
CA LEU A 112 2.48 4.58 -1.04
C LEU A 112 3.41 3.84 -2.00
N LYS A 113 4.59 3.48 -1.52
CA LYS A 113 5.56 2.77 -2.34
C LYS A 113 6.01 1.48 -1.66
N THR A 114 6.66 0.60 -2.42
CA THR A 114 7.22 -0.62 -1.87
C THR A 114 8.45 -1.07 -2.66
N ALA A 115 8.93 -2.27 -2.38
CA ALA A 115 10.14 -2.78 -2.99
C ALA A 115 11.31 -1.82 -2.77
N ASP A 116 11.53 -1.44 -1.52
CA ASP A 116 12.58 -0.50 -1.17
C ASP A 116 12.33 0.86 -1.82
N GLY A 117 11.07 1.17 -2.09
CA GLY A 117 10.69 2.46 -2.64
C GLY A 117 10.81 2.48 -4.14
N LYS A 118 11.10 1.32 -4.73
CA LYS A 118 11.30 1.20 -6.17
C LYS A 118 9.97 1.10 -6.90
N THR A 119 8.99 0.49 -6.25
CA THR A 119 7.68 0.29 -6.86
C THR A 119 6.69 1.33 -6.36
N ASP A 120 6.14 2.11 -7.28
CA ASP A 120 5.11 3.09 -6.95
C ASP A 120 3.72 2.48 -7.05
N VAL A 121 3.08 2.28 -5.89
CA VAL A 121 1.78 1.63 -5.84
C VAL A 121 0.66 2.64 -6.06
N VAL A 122 0.61 3.65 -5.20
CA VAL A 122 -0.25 4.81 -5.44
C VAL A 122 0.51 6.11 -5.22
N LYS A 123 0.07 7.17 -5.89
CA LYS A 123 0.71 8.47 -5.78
C LYS A 123 -0.29 9.60 -6.01
N ASP A 124 -0.49 10.41 -4.98
CA ASP A 124 -1.34 11.60 -5.10
C ASP A 124 -2.74 11.23 -5.58
N VAL A 125 -3.32 10.21 -4.98
CA VAL A 125 -4.66 9.76 -5.33
C VAL A 125 -5.70 10.26 -4.32
N GLY A 126 -6.92 10.45 -4.77
CA GLY A 126 -7.95 11.09 -3.96
C GLY A 126 -8.87 10.04 -3.34
N PRO A 127 -9.97 10.51 -2.76
CA PRO A 127 -10.93 9.63 -2.10
C PRO A 127 -11.45 8.57 -3.06
N GLN A 128 -11.54 7.34 -2.57
CA GLN A 128 -12.17 6.26 -3.33
C GLN A 128 -11.33 5.89 -4.55
N SER A 129 -10.07 6.32 -4.55
CA SER A 129 -9.11 5.86 -5.55
C SER A 129 -8.16 4.83 -4.97
N HIS A 130 -7.66 3.94 -5.81
CA HIS A 130 -6.80 2.85 -5.36
C HIS A 130 -5.86 2.41 -6.49
N GLY A 131 -4.79 1.71 -6.11
CA GLY A 131 -3.85 1.15 -7.08
C GLY A 131 -3.86 -0.36 -7.05
N ASP A 132 -3.39 -0.98 -8.13
CA ASP A 132 -3.35 -2.43 -8.24
C ASP A 132 -2.04 -2.92 -8.82
N ARG A 133 -1.27 -3.65 -8.02
CA ARG A 133 0.07 -4.07 -8.40
C ARG A 133 0.24 -5.58 -8.26
N GLU A 134 1.01 -6.17 -9.16
CA GLU A 134 1.33 -7.59 -9.10
C GLU A 134 2.68 -7.82 -8.43
N ILE A 135 2.69 -8.62 -7.37
CA ILE A 135 3.84 -8.72 -6.49
C ILE A 135 4.29 -10.18 -6.34
N ASN A 136 5.50 -10.37 -5.84
CA ASN A 136 6.04 -11.70 -5.60
C ASN A 136 5.58 -12.24 -4.26
N PRO A 137 5.67 -13.56 -4.10
CA PRO A 137 5.25 -14.21 -2.86
C PRO A 137 6.33 -14.07 -1.79
N VAL A 138 6.70 -12.83 -1.48
CA VAL A 138 7.78 -12.57 -0.54
C VAL A 138 7.36 -11.55 0.52
N LYS A 139 8.27 -11.23 1.41
CA LYS A 139 8.05 -10.17 2.39
C LYS A 139 7.92 -8.81 1.73
N VAL A 140 6.69 -8.32 1.62
CA VAL A 140 6.42 -7.04 0.98
C VAL A 140 6.14 -5.95 2.01
N ASN A 141 6.88 -4.85 1.91
CA ASN A 141 6.74 -3.74 2.85
C ASN A 141 6.05 -2.55 2.20
N LEU A 142 4.81 -2.30 2.61
CA LEU A 142 4.07 -1.14 2.13
C LEU A 142 4.29 0.07 3.04
N ALA A 143 4.87 1.13 2.49
CA ALA A 143 5.24 2.29 3.29
C ALA A 143 4.64 3.56 2.68
N LEU A 144 4.18 4.46 3.55
CA LEU A 144 3.61 5.73 3.11
C LEU A 144 4.69 6.80 2.96
N PHE A 145 4.57 7.61 1.93
CA PHE A 145 5.53 8.68 1.68
C PHE A 145 4.83 9.99 1.31
N ASP A 146 5.51 11.10 1.54
CA ASP A 146 5.02 12.40 1.12
C ASP A 146 6.12 13.23 0.47
N GLY A 147 6.35 13.01 -0.82
CA GLY A 147 7.46 13.64 -1.53
C GLY A 147 8.77 12.93 -1.24
N SER A 148 9.61 13.55 -0.41
CA SER A 148 10.82 12.91 0.07
C SER A 148 10.65 12.43 1.51
N LYS A 149 9.53 12.77 2.12
CA LYS A 149 9.27 12.45 3.52
C LYS A 149 8.73 11.03 3.67
N LYS A 150 9.31 10.27 4.58
CA LYS A 150 8.77 8.97 4.96
C LYS A 150 7.72 9.12 6.06
N VAL A 151 6.54 8.58 5.82
CA VAL A 151 5.40 8.80 6.70
C VAL A 151 5.15 7.60 7.60
N SER A 152 5.02 6.43 7.00
CA SER A 152 4.66 5.22 7.73
C SER A 152 5.33 3.99 7.12
N ASP A 153 5.62 3.01 7.96
CA ASP A 153 6.35 1.82 7.54
C ASP A 153 5.72 0.56 8.12
N LEU A 154 4.97 -0.15 7.28
CA LEU A 154 4.27 -1.36 7.72
C LEU A 154 5.20 -2.56 7.73
N LYS A 155 4.95 -3.48 8.65
CA LYS A 155 5.74 -4.70 8.75
C LYS A 155 5.63 -5.54 7.49
N PRO A 156 6.76 -5.99 6.96
CA PRO A 156 6.78 -6.84 5.78
C PRO A 156 5.93 -8.09 6.00
N VAL A 157 5.09 -8.42 5.03
CA VAL A 157 4.25 -9.61 5.11
C VAL A 157 4.48 -10.52 3.90
N THR A 158 4.68 -11.81 4.17
CA THR A 158 4.81 -12.80 3.11
C THR A 158 3.44 -13.35 2.71
N LEU A 159 3.17 -13.35 1.41
CA LEU A 159 1.90 -13.84 0.89
C LEU A 159 2.08 -15.12 0.08
N ALA A 160 1.01 -15.92 0.03
CA ALA A 160 1.05 -17.18 -0.71
C ALA A 160 0.33 -17.04 -2.05
N ARG A 161 0.58 -18.00 -2.94
CA ARG A 161 -0.04 -17.99 -4.27
C ARG A 161 -1.55 -17.82 -4.17
N GLY A 162 -2.06 -16.76 -4.77
CA GLY A 162 -3.50 -16.59 -4.95
C GLY A 162 -4.06 -15.57 -3.98
N GLU A 163 -3.28 -15.25 -2.95
CA GLU A 163 -3.72 -14.32 -1.91
C GLU A 163 -3.71 -12.88 -2.43
N VAL A 164 -4.77 -12.14 -2.11
CA VAL A 164 -4.86 -10.75 -2.52
C VAL A 164 -5.11 -9.83 -1.33
N VAL A 165 -4.23 -8.84 -1.15
CA VAL A 165 -4.34 -7.92 -0.03
C VAL A 165 -4.89 -6.58 -0.47
N CYS A 166 -5.83 -6.04 0.30
CA CYS A 166 -6.38 -4.72 0.04
C CYS A 166 -6.18 -3.79 1.23
N LEU A 167 -5.24 -2.86 1.09
CA LEU A 167 -4.90 -1.95 2.19
C LEU A 167 -5.88 -0.80 2.28
N TYR A 168 -6.49 -0.63 3.44
CA TYR A 168 -7.45 0.45 3.66
C TYR A 168 -6.84 1.55 4.53
N VAL A 169 -6.36 2.61 3.88
CA VAL A 169 -5.68 3.69 4.57
C VAL A 169 -6.67 4.77 5.00
N THR A 170 -6.95 4.84 6.29
CA THR A 170 -7.94 5.76 6.81
C THR A 170 -7.29 6.95 7.52
N GLY A 171 -8.11 7.90 7.94
CA GLY A 171 -7.61 9.06 8.69
C GLY A 171 -7.47 10.27 7.79
N SER A 172 -6.38 11.02 7.97
CA SER A 172 -6.11 12.19 7.16
C SER A 172 -4.65 12.62 7.28
N GLY A 173 -3.98 12.78 6.14
CA GLY A 173 -2.56 13.07 6.11
C GLY A 173 -2.23 14.29 6.95
N GLY A 174 -1.12 14.22 7.68
CA GLY A 174 -0.20 13.10 7.57
C GLY A 174 -0.56 11.99 8.56
N LYS A 175 -1.69 12.13 9.21
CA LYS A 175 -2.12 11.17 10.23
C LYS A 175 -2.95 10.05 9.61
N LEU A 176 -2.29 9.20 8.83
CA LEU A 176 -2.97 8.10 8.15
C LEU A 176 -2.84 6.81 8.92
N ALA A 177 -3.77 5.88 8.69
CA ALA A 177 -3.80 4.62 9.41
C ALA A 177 -4.14 3.46 8.49
N PRO A 178 -3.12 2.92 7.82
CA PRO A 178 -3.29 1.76 6.96
C PRO A 178 -3.87 0.58 7.73
N VAL A 179 -4.93 0.00 7.20
CA VAL A 179 -5.51 -1.23 7.76
C VAL A 179 -5.25 -2.42 6.86
N TRP A 180 -4.48 -3.38 7.36
CA TRP A 180 -4.06 -4.53 6.55
C TRP A 180 -5.16 -5.58 6.50
N VAL A 181 -5.83 -5.67 5.36
CA VAL A 181 -6.86 -6.69 5.16
C VAL A 181 -6.48 -7.63 4.02
N LYS A 182 -6.37 -8.91 4.33
CA LYS A 182 -6.04 -9.93 3.33
C LYS A 182 -7.29 -10.67 2.89
N ARG A 183 -7.44 -10.85 1.57
CA ARG A 183 -8.59 -11.54 1.01
C ARG A 183 -8.21 -12.94 0.54
N LYS A 95 4.99 -20.74 -6.09
CA LYS A 95 4.07 -19.63 -6.24
C LYS A 95 4.81 -18.33 -6.52
N GLN A 96 4.46 -17.66 -7.62
CA GLN A 96 5.06 -16.39 -7.98
C GLN A 96 4.03 -15.43 -8.53
N LYS A 97 2.97 -15.20 -7.78
CA LYS A 97 1.90 -14.32 -8.21
C LYS A 97 0.92 -14.04 -7.07
N ALA A 98 0.69 -12.76 -6.79
CA ALA A 98 -0.33 -12.36 -5.83
C ALA A 98 -0.90 -10.99 -6.17
N LEU A 99 -2.20 -10.82 -5.94
CA LEU A 99 -2.88 -9.58 -6.28
C LEU A 99 -3.10 -8.72 -5.04
N VAL A 100 -2.69 -7.46 -5.11
CA VAL A 100 -2.95 -6.50 -4.05
C VAL A 100 -3.66 -5.26 -4.57
N ARG A 101 -4.44 -4.62 -3.72
CA ARG A 101 -5.15 -3.40 -4.08
C ARG A 101 -5.15 -2.40 -2.94
N VAL A 102 -4.67 -1.20 -3.23
CA VAL A 102 -4.56 -0.14 -2.22
C VAL A 102 -5.63 0.92 -2.41
N GLN A 103 -6.46 1.11 -1.39
CA GLN A 103 -7.56 2.07 -1.47
C GLN A 103 -7.28 3.30 -0.61
N ASN A 104 -7.39 4.47 -1.22
CA ASN A 104 -7.17 5.73 -0.51
C ASN A 104 -8.46 6.19 0.18
N LEU A 105 -8.50 6.04 1.49
CA LEU A 105 -9.63 6.51 2.28
C LEU A 105 -9.25 7.69 3.16
N SER A 106 -8.27 8.47 2.69
CA SER A 106 -7.78 9.62 3.44
C SER A 106 -8.28 10.92 2.84
N GLY A 107 -7.83 12.04 3.40
CA GLY A 107 -8.17 13.35 2.87
C GLY A 107 -7.05 13.92 2.01
N SER A 108 -6.08 13.07 1.70
CA SER A 108 -4.92 13.49 0.90
C SER A 108 -4.56 12.44 -0.15
N LYS A 109 -3.39 12.60 -0.74
CA LYS A 109 -2.91 11.65 -1.74
C LYS A 109 -1.86 10.70 -1.16
N LEU A 110 -1.91 9.45 -1.60
CA LEU A 110 -1.01 8.44 -1.08
C LEU A 110 0.10 8.11 -2.07
N THR A 111 1.28 7.76 -1.55
CA THR A 111 2.35 7.21 -2.37
C THR A 111 3.05 6.06 -1.67
N LEU A 112 3.17 4.93 -2.36
CA LEU A 112 3.81 3.76 -1.80
C LEU A 112 5.04 3.35 -2.60
N LYS A 113 6.21 3.44 -1.99
CA LYS A 113 7.45 3.08 -2.65
C LYS A 113 8.25 2.08 -1.82
N THR A 114 8.75 1.04 -2.47
CA THR A 114 9.40 -0.06 -1.77
C THR A 114 10.76 0.35 -1.22
N ALA A 115 11.22 -0.35 -0.20
CA ALA A 115 12.48 -0.01 0.45
C ALA A 115 13.65 -0.06 -0.52
N ASP A 116 13.54 -0.93 -1.52
CA ASP A 116 14.57 -1.07 -2.53
C ASP A 116 14.74 0.21 -3.35
N GLY A 117 13.63 0.93 -3.53
CA GLY A 117 13.63 2.16 -4.31
C GLY A 117 13.63 1.86 -5.80
N LYS A 118 13.27 0.63 -6.15
CA LYS A 118 13.27 0.20 -7.56
C LYS A 118 11.84 0.01 -8.06
N THR A 119 10.93 -0.31 -7.16
CA THR A 119 9.54 -0.54 -7.52
C THR A 119 8.60 0.25 -6.62
N ASP A 120 7.32 0.28 -6.99
CA ASP A 120 6.32 1.03 -6.24
C ASP A 120 4.95 0.39 -6.36
N VAL A 121 3.98 0.93 -5.64
CA VAL A 121 2.61 0.43 -5.68
C VAL A 121 1.61 1.55 -5.92
N VAL A 122 1.84 2.69 -5.27
CA VAL A 122 0.95 3.85 -5.40
C VAL A 122 1.74 5.12 -5.67
N LYS A 123 1.22 5.94 -6.58
CA LYS A 123 1.86 7.22 -6.91
C LYS A 123 0.82 8.33 -7.01
N ASP A 124 0.81 9.22 -6.02
CA ASP A 124 -0.02 10.41 -6.07
C ASP A 124 -1.48 10.04 -6.38
N VAL A 125 -2.02 9.10 -5.63
CA VAL A 125 -3.41 8.68 -5.82
C VAL A 125 -4.32 9.32 -4.78
N GLY A 126 -5.39 9.95 -5.25
CA GLY A 126 -6.24 10.76 -4.39
C GLY A 126 -7.34 9.93 -3.75
N PRO A 127 -8.14 10.56 -2.91
CA PRO A 127 -9.22 9.86 -2.20
C PRO A 127 -10.20 9.22 -3.18
N GLN A 128 -10.76 8.09 -2.79
CA GLN A 128 -11.76 7.40 -3.59
C GLN A 128 -11.15 6.82 -4.86
N SER A 129 -9.82 6.70 -4.86
CA SER A 129 -9.12 6.00 -5.94
C SER A 129 -8.23 4.90 -5.39
N HIS A 130 -7.86 3.97 -6.26
CA HIS A 130 -7.06 2.81 -5.84
C HIS A 130 -6.10 2.37 -6.94
N GLY A 131 -5.19 1.47 -6.60
CA GLY A 131 -4.23 0.96 -7.56
C GLY A 131 -3.95 -0.52 -7.32
N ASP A 132 -3.71 -1.26 -8.41
CA ASP A 132 -3.47 -2.69 -8.32
C ASP A 132 -2.02 -3.03 -8.66
N ARG A 133 -1.50 -4.10 -8.07
CA ARG A 133 -0.16 -4.58 -8.38
C ARG A 133 -0.11 -6.11 -8.36
N GLU A 134 0.67 -6.68 -9.27
CA GLU A 134 0.98 -8.11 -9.22
C GLU A 134 2.36 -8.35 -8.61
N ILE A 135 2.36 -8.96 -7.42
CA ILE A 135 3.58 -9.08 -6.63
C ILE A 135 3.78 -10.52 -6.16
N ASN A 136 5.03 -10.98 -6.22
CA ASN A 136 5.36 -12.32 -5.75
C ASN A 136 5.07 -12.48 -4.27
N PRO A 137 4.83 -13.72 -3.85
CA PRO A 137 4.51 -14.02 -2.46
C PRO A 137 5.67 -13.64 -1.54
N VAL A 138 5.76 -12.35 -1.22
CA VAL A 138 6.80 -11.88 -0.31
C VAL A 138 6.19 -11.00 0.79
N LYS A 139 7.04 -10.51 1.69
CA LYS A 139 6.61 -9.57 2.70
C LYS A 139 6.75 -8.13 2.23
N VAL A 140 5.71 -7.33 2.45
CA VAL A 140 5.68 -5.96 1.97
C VAL A 140 6.63 -5.07 2.78
N ASN A 141 7.89 -5.03 2.35
CA ASN A 141 8.85 -4.07 2.90
C ASN A 141 8.81 -2.76 2.15
N LEU A 142 7.95 -1.84 2.57
CA LEU A 142 7.60 -0.67 1.78
C LEU A 142 7.36 0.54 2.67
N ALA A 143 7.82 1.70 2.21
CA ALA A 143 7.71 2.93 2.98
C ALA A 143 6.42 3.68 2.65
N LEU A 144 5.81 4.27 3.67
CA LEU A 144 4.50 4.88 3.52
C LEU A 144 4.61 6.40 3.40
N PHE A 145 4.19 6.94 2.26
CA PHE A 145 4.28 8.38 2.02
C PHE A 145 2.89 9.01 1.93
N ASP A 146 2.79 10.26 2.36
CA ASP A 146 1.60 11.06 2.08
C ASP A 146 1.89 12.11 1.01
N GLY A 147 1.57 11.75 -0.24
CA GLY A 147 1.92 12.60 -1.38
C GLY A 147 3.38 12.47 -1.73
N SER A 148 4.17 13.48 -1.37
CA SER A 148 5.62 13.41 -1.52
C SER A 148 6.31 13.46 -0.17
N LYS A 149 5.52 13.52 0.89
CA LYS A 149 6.06 13.62 2.24
C LYS A 149 5.95 12.30 2.98
N LYS A 150 7.11 11.73 3.34
CA LYS A 150 7.14 10.46 4.06
C LYS A 150 6.48 10.58 5.42
N VAL A 151 5.62 9.63 5.75
CA VAL A 151 4.98 9.58 7.05
C VAL A 151 5.63 8.54 7.96
N SER A 152 5.73 7.31 7.46
CA SER A 152 6.35 6.23 8.21
C SER A 152 6.70 5.05 7.30
N ASP A 153 6.83 3.87 7.90
CA ASP A 153 6.96 2.64 7.13
C ASP A 153 5.67 1.83 7.16
N LEU A 154 5.28 1.28 6.01
CA LEU A 154 4.05 0.51 5.91
C LEU A 154 4.21 -0.87 6.53
N LYS A 155 3.28 -1.22 7.41
CA LYS A 155 3.29 -2.53 8.05
C LYS A 155 3.38 -3.65 7.02
N PRO A 156 4.37 -4.52 7.20
CA PRO A 156 4.62 -5.60 6.24
C PRO A 156 3.56 -6.70 6.35
N VAL A 157 3.30 -7.37 5.24
CA VAL A 157 2.36 -8.50 5.22
C VAL A 157 2.79 -9.54 4.20
N THR A 158 2.58 -10.81 4.54
CA THR A 158 2.97 -11.91 3.68
C THR A 158 1.95 -12.14 2.57
N LEU A 159 2.42 -12.11 1.32
CA LEU A 159 1.55 -12.36 0.18
C LEU A 159 1.59 -13.83 -0.24
N ALA A 160 0.56 -14.26 -0.95
CA ALA A 160 0.47 -15.65 -1.40
C ALA A 160 -0.49 -15.79 -2.57
N ARG A 161 -0.19 -16.71 -3.48
CA ARG A 161 -1.02 -16.94 -4.65
C ARG A 161 -2.33 -17.61 -4.26
N GLY A 162 -3.43 -17.10 -4.80
CA GLY A 162 -4.76 -17.62 -4.47
C GLY A 162 -5.47 -16.71 -3.48
N GLU A 163 -4.73 -15.77 -2.90
CA GLU A 163 -5.28 -14.82 -1.94
C GLU A 163 -5.09 -13.38 -2.42
N VAL A 164 -6.05 -12.53 -2.09
CA VAL A 164 -5.98 -11.12 -2.46
C VAL A 164 -5.86 -10.23 -1.23
N VAL A 165 -4.81 -9.43 -1.19
CA VAL A 165 -4.52 -8.60 -0.02
C VAL A 165 -4.76 -7.13 -0.31
N CYS A 166 -5.75 -6.54 0.35
CA CYS A 166 -6.10 -5.14 0.13
C CYS A 166 -5.54 -4.26 1.24
N LEU A 167 -5.30 -2.99 0.91
CA LEU A 167 -4.79 -2.03 1.88
C LEU A 167 -5.68 -0.80 1.95
N TYR A 168 -6.17 -0.50 3.15
CA TYR A 168 -7.04 0.65 3.34
C TYR A 168 -6.39 1.69 4.24
N VAL A 169 -5.99 2.82 3.66
CA VAL A 169 -5.30 3.86 4.40
C VAL A 169 -6.19 5.08 4.58
N THR A 170 -6.38 5.49 5.82
CA THR A 170 -7.22 6.65 6.14
C THR A 170 -6.51 7.60 7.09
N GLY A 171 -7.22 8.63 7.52
CA GLY A 171 -6.65 9.64 8.40
C GLY A 171 -6.79 9.26 9.87
N SER A 172 -5.76 9.53 10.65
CA SER A 172 -5.80 9.28 12.09
C SER A 172 -5.00 10.33 12.85
N GLY A 173 -5.64 11.44 13.19
CA GLY A 173 -5.01 12.49 13.98
C GLY A 173 -3.99 13.26 13.14
N GLY A 174 -4.16 13.21 11.82
CA GLY A 174 -3.23 13.87 10.91
C GLY A 174 -2.25 12.87 10.31
N LYS A 175 -2.20 11.67 10.87
CA LYS A 175 -1.33 10.62 10.38
C LYS A 175 -2.09 9.62 9.51
N LEU A 176 -1.36 8.80 8.76
CA LEU A 176 -1.96 7.76 7.94
C LEU A 176 -2.19 6.50 8.74
N ALA A 177 -3.33 5.85 8.51
CA ALA A 177 -3.69 4.63 9.22
C ALA A 177 -3.98 3.49 8.25
N PRO A 178 -2.95 2.71 7.93
CA PRO A 178 -3.10 1.60 6.99
C PRO A 178 -3.79 0.42 7.66
N VAL A 179 -4.69 -0.22 6.92
CA VAL A 179 -5.34 -1.44 7.40
C VAL A 179 -5.27 -2.55 6.35
N TRP A 180 -4.69 -3.68 6.73
CA TRP A 180 -4.57 -4.82 5.83
C TRP A 180 -5.82 -5.69 5.91
N VAL A 181 -6.42 -5.96 4.75
CA VAL A 181 -7.57 -6.86 4.67
C VAL A 181 -7.40 -7.89 3.56
N LYS A 182 -7.27 -9.15 3.95
CA LYS A 182 -7.03 -10.22 2.99
C LYS A 182 -8.29 -11.03 2.71
N ARG A 183 -8.53 -11.33 1.45
CA ARG A 183 -9.67 -12.13 1.06
C ARG A 183 -9.24 -13.53 0.62
#